data_8DQ7
#
_entry.id   8DQ7
#
_cell.length_a   85.510
_cell.length_b   85.510
_cell.length_c   122.390
_cell.angle_alpha   90.000
_cell.angle_beta   90.000
_cell.angle_gamma   90.000
#
_symmetry.space_group_name_H-M   'P 43'
#
loop_
_entity.id
_entity.type
_entity.pdbx_description
1 polymer 'Amine oxidase'
2 non-polymer 'DIHYDROFLAVINE-ADENINE DINUCLEOTIDE'
3 water water
#
_entity_poly.entity_id   1
_entity_poly.type   'polypeptide(L)'
_entity_poly.pdbx_seq_one_letter_code
;GFDYDVVVVGGGFAGATAARECGLQGYRTLLLEARSRLGGRTFTSRFAGQEIELGGTWVHWLQPHVWAEMQRYGLGVVED
PLTNLDKTLIMYNDGIVESISPDEFGKNIRIAFEKLCHDAWEVFPRPHEPMFTERARELDKSSVLDRIKTLGLSRLQQAQ
INSYMALYAGETTDKFGLPGVLKLFACGGWNYDAFMDTETHYRIQGGTIGLINAMLTDSGAEVRMSVPVTAVEQVNGGVK
IKTDDDEIITAGVVVMTVPLNTYKHIDFTPALSKGKQRFIKEGQLSKGAKLYVHVKQNLGRVFAFADEQQPLNWVQTRDY
SDELGTILSITIARKETIDVNDRDAVTREVQKMFPGVEVLGTAAYDWTADPFSLGAWAAYGVGQLSRLKDLQAAEGRIVF
AGAETSNGWHASIDGAVESGLRAGREVKQLLS
;
_entity_poly.pdbx_strand_id   A,B
#
loop_
_chem_comp.id
_chem_comp.type
_chem_comp.name
_chem_comp.formula
FDA non-polymer 'DIHYDROFLAVINE-ADENINE DINUCLEOTIDE' 'C27 H35 N9 O15 P2'
#
# COMPACT_ATOMS: atom_id res chain seq x y z
N GLY A 1 -37.44 5.91 -7.40
CA GLY A 1 -38.46 5.19 -6.65
C GLY A 1 -38.22 3.69 -6.55
N PHE A 2 -36.98 3.27 -6.38
CA PHE A 2 -36.67 1.87 -6.09
C PHE A 2 -36.63 1.65 -4.57
N ASP A 3 -36.69 0.39 -4.18
CA ASP A 3 -36.58 0.08 -2.75
C ASP A 3 -35.29 0.63 -2.16
N TYR A 4 -34.19 0.56 -2.92
CA TYR A 4 -32.86 0.96 -2.45
C TYR A 4 -32.12 1.62 -3.59
N ASP A 5 -31.16 2.50 -3.24
CA ASP A 5 -30.26 3.05 -4.26
C ASP A 5 -29.35 1.94 -4.81
N VAL A 6 -28.78 1.12 -3.93
CA VAL A 6 -27.87 0.07 -4.37
C VAL A 6 -28.05 -1.15 -3.49
N VAL A 7 -28.01 -2.31 -4.15
CA VAL A 7 -27.96 -3.61 -3.47
C VAL A 7 -26.60 -4.23 -3.77
N VAL A 8 -25.89 -4.61 -2.71
CA VAL A 8 -24.63 -5.31 -2.79
C VAL A 8 -24.89 -6.78 -2.55
N VAL A 9 -24.50 -7.62 -3.49
CA VAL A 9 -24.67 -9.07 -3.35
C VAL A 9 -23.34 -9.66 -2.89
N GLY A 10 -23.33 -10.21 -1.68
CA GLY A 10 -22.15 -10.82 -1.10
C GLY A 10 -21.58 -10.03 0.05
N GLY A 11 -21.31 -10.73 1.16
CA GLY A 11 -20.76 -10.11 2.37
C GLY A 11 -19.38 -10.59 2.75
N GLY A 12 -18.51 -10.82 1.77
CA GLY A 12 -17.07 -10.92 2.00
C GLY A 12 -16.46 -9.54 1.96
N PHE A 13 -15.13 -9.50 1.83
CA PHE A 13 -14.45 -8.21 1.89
C PHE A 13 -14.83 -7.29 0.73
N ALA A 14 -15.05 -7.84 -0.46
CA ALA A 14 -15.42 -6.96 -1.57
C ALA A 14 -16.77 -6.30 -1.32
N GLY A 15 -17.76 -7.09 -0.91
CA GLY A 15 -19.07 -6.52 -0.63
C GLY A 15 -19.11 -5.59 0.58
N ALA A 16 -18.40 -5.95 1.66
CA ALA A 16 -18.38 -5.07 2.82
C ALA A 16 -17.72 -3.74 2.48
N THR A 17 -16.64 -3.78 1.70
CA THR A 17 -16.01 -2.54 1.30
C THR A 17 -16.97 -1.70 0.45
N ALA A 18 -17.57 -2.30 -0.57
CA ALA A 18 -18.47 -1.54 -1.45
C ALA A 18 -19.64 -0.95 -0.67
N ALA A 19 -20.21 -1.70 0.29
CA ALA A 19 -21.33 -1.19 1.07
C ALA A 19 -20.88 -0.06 1.98
N ARG A 20 -19.67 -0.16 2.54
CA ARG A 20 -19.15 0.94 3.34
C ARG A 20 -19.01 2.20 2.47
N GLU A 21 -18.40 2.07 1.28
CA GLU A 21 -18.28 3.23 0.38
C GLU A 21 -19.65 3.82 0.06
N CYS A 22 -20.64 2.98 -0.25
CA CYS A 22 -21.95 3.52 -0.65
C CYS A 22 -22.69 4.13 0.53
N GLY A 23 -22.66 3.47 1.69
CA GLY A 23 -23.36 4.00 2.85
C GLY A 23 -22.82 5.34 3.28
N LEU A 24 -21.49 5.52 3.26
CA LEU A 24 -20.94 6.80 3.69
C LEU A 24 -21.30 7.94 2.74
N GLN A 25 -21.72 7.64 1.51
CA GLN A 25 -22.23 8.67 0.62
C GLN A 25 -23.68 8.99 0.89
N GLY A 26 -24.33 8.27 1.81
CA GLY A 26 -25.71 8.50 2.06
C GLY A 26 -26.65 7.68 1.20
N TYR A 27 -26.14 6.81 0.34
CA TYR A 27 -27.03 5.98 -0.47
C TYR A 27 -27.78 4.97 0.41
N ARG A 28 -29.06 4.78 0.10
CA ARG A 28 -29.86 3.75 0.75
C ARG A 28 -29.36 2.41 0.28
N THR A 29 -28.70 1.66 1.17
CA THR A 29 -27.89 0.51 0.77
C THR A 29 -28.35 -0.76 1.47
N LEU A 30 -28.49 -1.84 0.70
CA LEU A 30 -28.80 -3.16 1.26
C LEU A 30 -27.73 -4.14 0.82
N LEU A 31 -27.29 -5.00 1.73
CA LEU A 31 -26.36 -6.09 1.39
C LEU A 31 -27.06 -7.42 1.63
N LEU A 32 -27.09 -8.28 0.59
CA LEU A 32 -27.64 -9.61 0.66
C LEU A 32 -26.51 -10.63 0.67
N GLU A 33 -26.48 -11.49 1.71
CA GLU A 33 -25.47 -12.53 1.86
C GLU A 33 -26.16 -13.89 1.87
N ALA A 34 -25.64 -14.82 1.07
CA ALA A 34 -26.28 -16.13 0.91
C ALA A 34 -26.06 -17.05 2.11
N ARG A 35 -24.85 -17.07 2.70
CA ARG A 35 -24.59 -17.89 3.88
C ARG A 35 -25.24 -17.24 5.10
N SER A 36 -25.34 -17.99 6.18
CA SER A 36 -25.81 -17.44 7.45
C SER A 36 -24.68 -16.79 8.25
N ARG A 37 -23.58 -16.40 7.60
CA ARG A 37 -22.50 -15.71 8.27
C ARG A 37 -21.88 -14.75 7.27
N LEU A 38 -21.12 -13.78 7.77
CA LEU A 38 -20.34 -12.87 6.93
C LEU A 38 -18.91 -13.38 6.79
N GLY A 39 -18.13 -12.74 5.92
CA GLY A 39 -16.71 -13.02 5.74
C GLY A 39 -16.37 -13.71 4.44
N GLY A 40 -17.32 -14.46 3.87
CA GLY A 40 -17.12 -15.08 2.57
C GLY A 40 -15.98 -16.10 2.65
N ARG A 41 -14.96 -15.90 1.82
CA ARG A 41 -13.78 -16.77 1.82
C ARG A 41 -12.81 -16.42 2.94
N THR A 42 -13.21 -15.57 3.89
CA THR A 42 -12.59 -15.57 5.21
C THR A 42 -13.61 -16.04 6.22
N PHE A 43 -13.13 -16.73 7.25
CA PHE A 43 -13.99 -17.30 8.28
C PHE A 43 -13.16 -17.42 9.54
N THR A 44 -13.45 -16.54 10.50
CA THR A 44 -12.83 -16.57 11.82
C THR A 44 -13.60 -17.51 12.71
N SER A 45 -12.90 -18.44 13.36
CA SER A 45 -13.55 -19.44 14.17
C SER A 45 -12.63 -19.75 15.37
N ARG A 46 -12.93 -20.82 16.08
CA ARG A 46 -12.20 -21.15 17.30
C ARG A 46 -11.85 -22.62 17.26
N PHE A 47 -10.65 -22.97 17.73
CA PHE A 47 -10.18 -24.35 17.73
C PHE A 47 -9.07 -24.52 18.77
N ALA A 48 -9.19 -25.55 19.61
CA ALA A 48 -8.20 -25.84 20.66
C ALA A 48 -7.84 -24.58 21.46
N GLY A 49 -8.86 -23.80 21.82
CA GLY A 49 -8.64 -22.63 22.66
C GLY A 49 -8.11 -21.41 21.95
N GLN A 50 -7.93 -21.45 20.63
CA GLN A 50 -7.35 -20.37 19.86
C GLN A 50 -8.33 -19.84 18.83
N GLU A 51 -8.19 -18.57 18.51
CA GLU A 51 -8.90 -18.04 17.35
C GLU A 51 -8.14 -18.44 16.09
N ILE A 52 -8.86 -18.98 15.10
CA ILE A 52 -8.26 -19.46 13.86
C ILE A 52 -8.96 -18.84 12.66
N GLU A 53 -8.27 -18.88 11.52
CA GLU A 53 -8.78 -18.33 10.27
C GLU A 53 -8.81 -19.46 9.25
N LEU A 54 -10.02 -19.96 8.94
CA LEU A 54 -10.16 -21.13 8.08
C LEU A 54 -10.12 -20.75 6.61
N GLY A 55 -10.12 -19.46 6.30
CA GLY A 55 -9.94 -18.99 4.93
C GLY A 55 -8.79 -18.01 4.86
N GLY A 56 -9.00 -16.88 4.18
CA GLY A 56 -7.96 -15.87 4.09
C GLY A 56 -7.49 -15.41 5.45
N THR A 57 -6.19 -15.34 5.63
CA THR A 57 -5.56 -15.17 6.92
C THR A 57 -4.54 -14.01 7.00
N TRP A 58 -3.53 -14.01 6.14
CA TRP A 58 -2.37 -13.15 6.32
C TRP A 58 -2.43 -11.93 5.39
N VAL A 59 -1.94 -10.79 5.88
CA VAL A 59 -1.97 -9.50 5.19
C VAL A 59 -0.61 -8.84 5.36
N HIS A 60 -0.44 -7.65 4.74
CA HIS A 60 0.86 -6.97 4.78
C HIS A 60 0.69 -5.49 4.45
N TRP A 61 1.61 -4.66 4.97
CA TRP A 61 1.58 -3.24 4.69
C TRP A 61 2.00 -2.91 3.25
N LEU A 62 2.61 -3.85 2.52
CA LEU A 62 2.79 -3.62 1.10
C LEU A 62 1.51 -3.84 0.30
N GLN A 63 0.44 -4.29 0.97
CA GLN A 63 -0.85 -4.45 0.31
C GLN A 63 -1.66 -3.19 0.59
N PRO A 64 -1.80 -2.29 -0.38
CA PRO A 64 -2.22 -0.92 -0.05
C PRO A 64 -3.66 -0.81 0.44
N HIS A 65 -4.61 -1.57 -0.12
CA HIS A 65 -6.00 -1.33 0.21
C HIS A 65 -6.36 -1.87 1.58
N VAL A 66 -5.97 -3.11 1.87
CA VAL A 66 -6.28 -3.64 3.21
C VAL A 66 -5.48 -2.87 4.27
N TRP A 67 -4.24 -2.50 3.96
CA TRP A 67 -3.48 -1.75 4.96
C TRP A 67 -4.13 -0.41 5.25
N ALA A 68 -4.57 0.32 4.21
CA ALA A 68 -5.24 1.59 4.51
C ALA A 68 -6.46 1.36 5.39
N GLU A 69 -7.20 0.24 5.17
CA GLU A 69 -8.34 -0.05 6.06
C GLU A 69 -7.89 -0.26 7.51
N MET A 70 -6.82 -1.04 7.70
CA MET A 70 -6.32 -1.29 9.04
C MET A 70 -5.90 0.01 9.72
N GLN A 71 -5.34 0.93 8.92
CA GLN A 71 -5.01 2.26 9.46
C GLN A 71 -6.27 3.00 9.90
N ARG A 72 -7.28 3.02 9.03
CA ARG A 72 -8.54 3.69 9.34
C ARG A 72 -9.17 3.13 10.63
N TYR A 73 -9.19 1.82 10.79
CA TYR A 73 -9.88 1.22 11.93
C TYR A 73 -8.97 0.89 13.12
N GLY A 74 -7.68 1.23 13.07
CA GLY A 74 -6.81 0.99 14.21
C GLY A 74 -6.45 -0.46 14.45
N LEU A 75 -6.31 -1.26 13.39
CA LEU A 75 -6.00 -2.68 13.54
C LEU A 75 -4.51 -2.88 13.34
N GLY A 76 -3.84 -3.44 14.35
CA GLY A 76 -2.44 -3.81 14.23
C GLY A 76 -2.26 -5.15 13.54
N VAL A 77 -1.01 -5.63 13.52
CA VAL A 77 -0.68 -6.93 12.98
C VAL A 77 -0.41 -7.88 14.14
N VAL A 78 -0.62 -9.16 13.89
CA VAL A 78 -0.33 -10.23 14.83
C VAL A 78 0.63 -11.19 14.11
N GLU A 79 1.82 -11.36 14.67
CA GLU A 79 2.87 -12.08 13.98
C GLU A 79 2.79 -13.58 14.27
N ASP A 80 2.70 -14.39 13.22
CA ASP A 80 2.85 -15.83 13.35
C ASP A 80 4.34 -16.19 13.32
N PRO A 81 4.70 -17.38 13.87
CA PRO A 81 6.14 -17.78 14.02
C PRO A 81 6.80 -18.25 12.74
N LEU A 82 7.09 -17.33 11.83
CA LEU A 82 7.72 -17.65 10.55
C LEU A 82 9.23 -17.44 10.54
N THR A 83 9.77 -16.70 11.53
CA THR A 83 11.20 -16.47 11.61
C THR A 83 11.81 -17.45 12.62
N ASN A 84 13.13 -17.61 12.52
CA ASN A 84 13.89 -18.47 13.44
C ASN A 84 13.25 -19.86 13.54
N LEU A 85 13.03 -20.47 12.37
CA LEU A 85 12.36 -21.76 12.30
C LEU A 85 13.20 -22.86 12.93
N ASP A 86 12.51 -23.80 13.59
CA ASP A 86 13.14 -25.02 14.12
C ASP A 86 13.26 -26.12 13.05
N LYS A 87 12.26 -26.27 12.18
CA LYS A 87 12.22 -27.36 11.21
C LYS A 87 11.68 -26.83 9.89
N THR A 88 12.40 -27.12 8.79
CA THR A 88 11.90 -26.84 7.46
C THR A 88 11.94 -28.15 6.70
N LEU A 89 10.76 -28.59 6.23
CA LEU A 89 10.63 -29.88 5.56
C LEU A 89 10.14 -29.71 4.13
N ILE A 90 10.61 -30.62 3.27
CA ILE A 90 10.06 -30.79 1.92
C ILE A 90 9.58 -32.23 1.80
N MET A 91 8.35 -32.40 1.37
CA MET A 91 7.80 -33.71 1.03
C MET A 91 7.69 -33.79 -0.48
N TYR A 92 8.47 -34.69 -1.08
CA TYR A 92 8.48 -34.82 -2.52
C TYR A 92 7.25 -35.56 -3.02
N ASN A 93 7.03 -35.49 -4.34
CA ASN A 93 5.92 -36.23 -4.93
C ASN A 93 5.96 -37.72 -4.58
N ASP A 94 7.16 -38.29 -4.46
CA ASP A 94 7.32 -39.72 -4.12
C ASP A 94 7.11 -40.03 -2.64
N GLY A 95 6.70 -39.05 -1.82
CA GLY A 95 6.32 -39.34 -0.44
C GLY A 95 7.45 -39.28 0.55
N ILE A 96 8.68 -39.04 0.11
CA ILE A 96 9.80 -38.85 1.02
C ILE A 96 9.67 -37.50 1.69
N VAL A 97 9.79 -37.47 3.01
CA VAL A 97 9.91 -36.24 3.78
C VAL A 97 11.37 -36.05 4.16
N GLU A 98 11.94 -34.90 3.79
CA GLU A 98 13.33 -34.58 4.08
C GLU A 98 13.40 -33.28 4.87
N SER A 99 14.13 -33.33 5.98
CA SER A 99 14.38 -32.16 6.80
C SER A 99 15.62 -31.43 6.25
N ILE A 100 15.46 -30.16 5.98
CA ILE A 100 16.50 -29.31 5.37
C ILE A 100 16.90 -28.26 6.38
N SER A 101 18.21 -27.95 6.45
CA SER A 101 18.63 -26.83 7.27
C SER A 101 17.81 -25.59 6.89
N PRO A 102 17.22 -24.89 7.87
CA PRO A 102 16.34 -23.76 7.50
C PRO A 102 17.03 -22.70 6.64
N ASP A 103 18.28 -22.35 6.96
CA ASP A 103 19.03 -21.42 6.11
C ASP A 103 19.06 -21.89 4.66
N GLU A 104 19.44 -23.15 4.44
CA GLU A 104 19.51 -23.72 3.09
C GLU A 104 18.13 -23.79 2.44
N PHE A 105 17.11 -24.20 3.22
CA PHE A 105 15.75 -24.22 2.69
C PHE A 105 15.38 -22.87 2.11
N GLY A 106 15.54 -21.81 2.92
CA GLY A 106 15.16 -20.48 2.48
C GLY A 106 15.98 -19.98 1.30
N LYS A 107 17.29 -20.28 1.29
CA LYS A 107 18.10 -19.83 0.15
C LYS A 107 17.66 -20.51 -1.14
N ASN A 108 17.29 -21.78 -1.05
CA ASN A 108 16.89 -22.51 -2.25
C ASN A 108 15.53 -22.07 -2.77
N ILE A 109 14.56 -21.83 -1.89
CA ILE A 109 13.29 -21.34 -2.42
C ILE A 109 13.49 -19.93 -2.96
N ARG A 110 14.34 -19.11 -2.35
CA ARG A 110 14.60 -17.79 -2.91
C ARG A 110 15.21 -17.90 -4.32
N ILE A 111 16.19 -18.79 -4.50
CA ILE A 111 16.79 -18.94 -5.82
C ILE A 111 15.74 -19.39 -6.83
N ALA A 112 14.91 -20.37 -6.47
CA ALA A 112 13.91 -20.85 -7.41
C ALA A 112 12.95 -19.73 -7.79
N PHE A 113 12.53 -18.93 -6.81
CA PHE A 113 11.52 -17.91 -7.08
C PHE A 113 12.10 -16.76 -7.87
N GLU A 114 13.31 -16.34 -7.55
CA GLU A 114 13.96 -15.26 -8.31
C GLU A 114 14.24 -15.69 -9.74
N LYS A 115 14.55 -16.97 -9.98
CA LYS A 115 14.66 -17.43 -11.36
C LYS A 115 13.29 -17.50 -12.04
N LEU A 116 12.28 -18.01 -11.35
CA LEU A 116 10.94 -18.10 -11.93
C LEU A 116 10.45 -16.72 -12.37
N CYS A 117 10.77 -15.67 -11.61
CA CYS A 117 10.22 -14.35 -11.83
C CYS A 117 11.28 -13.36 -12.32
N HIS A 118 12.27 -13.85 -13.09
CA HIS A 118 13.44 -13.05 -13.39
C HIS A 118 13.09 -11.81 -14.20
N ASP A 119 12.05 -11.88 -15.03
CA ASP A 119 11.66 -10.79 -15.92
C ASP A 119 10.47 -9.97 -15.36
N ALA A 120 10.22 -10.05 -14.05
CA ALA A 120 9.04 -9.39 -13.49
C ALA A 120 9.12 -7.88 -13.68
N TRP A 121 10.31 -7.29 -13.48
CA TRP A 121 10.49 -5.86 -13.70
C TRP A 121 10.10 -5.44 -15.10
N GLU A 122 10.54 -6.20 -16.11
CA GLU A 122 10.31 -5.83 -17.49
C GLU A 122 8.91 -6.19 -17.96
N VAL A 123 8.31 -7.25 -17.42
CA VAL A 123 6.98 -7.61 -17.89
C VAL A 123 5.91 -6.82 -17.15
N PHE A 124 6.14 -6.53 -15.86
CA PHE A 124 5.14 -5.90 -15.00
C PHE A 124 5.73 -4.69 -14.32
N PRO A 125 6.15 -3.70 -15.09
CA PRO A 125 6.59 -2.45 -14.46
C PRO A 125 5.46 -1.75 -13.73
N ARG A 126 4.21 -2.05 -14.08
CA ARG A 126 3.04 -1.42 -13.49
C ARG A 126 2.05 -2.53 -13.14
N PRO A 127 2.29 -3.24 -12.03
CA PRO A 127 1.48 -4.46 -11.76
C PRO A 127 0.01 -4.21 -11.62
N HIS A 128 -0.44 -2.98 -11.36
CA HIS A 128 -1.87 -2.67 -11.30
C HIS A 128 -2.46 -2.39 -12.68
N GLU A 129 -1.66 -2.50 -13.73
CA GLU A 129 -2.13 -2.47 -15.12
C GLU A 129 -1.56 -3.74 -15.75
N PRO A 130 -2.21 -4.87 -15.51
CA PRO A 130 -1.55 -6.16 -15.81
C PRO A 130 -1.18 -6.35 -17.27
N MET A 131 -1.93 -5.74 -18.20
CA MET A 131 -1.66 -5.86 -19.62
C MET A 131 -0.91 -4.63 -20.19
N PHE A 132 -0.24 -3.88 -19.33
CA PHE A 132 0.47 -2.69 -19.79
C PHE A 132 1.46 -3.04 -20.90
N THR A 133 2.20 -4.16 -20.76
CA THR A 133 3.26 -4.49 -21.73
C THR A 133 2.80 -5.55 -22.72
N GLU A 134 3.36 -5.49 -23.94
CA GLU A 134 3.11 -6.55 -24.90
C GLU A 134 3.67 -7.88 -24.41
N ARG A 135 4.81 -7.85 -23.71
CA ARG A 135 5.39 -9.10 -23.22
C ARG A 135 4.46 -9.83 -22.26
N ALA A 136 3.68 -9.10 -21.44
CA ALA A 136 2.73 -9.75 -20.54
C ALA A 136 1.66 -10.52 -21.30
N ARG A 137 1.15 -9.93 -22.38
CA ARG A 137 0.14 -10.61 -23.18
C ARG A 137 0.73 -11.81 -23.89
N GLU A 138 1.97 -11.67 -24.39
CA GLU A 138 2.63 -12.81 -25.03
C GLU A 138 2.82 -13.96 -24.04
N LEU A 139 3.24 -13.63 -22.81
CA LEU A 139 3.47 -14.66 -21.80
C LEU A 139 2.16 -15.32 -21.38
N ASP A 140 1.03 -14.64 -21.55
CA ASP A 140 -0.23 -15.32 -21.16
C ASP A 140 -0.57 -16.56 -22.07
N LYS A 141 0.31 -16.99 -22.98
CA LYS A 141 0.14 -18.26 -23.65
C LYS A 141 0.83 -19.39 -22.91
N SER A 142 1.63 -19.08 -21.89
CA SER A 142 2.40 -20.09 -21.19
C SER A 142 1.83 -20.33 -19.79
N SER A 143 2.04 -21.55 -19.31
CA SER A 143 1.72 -21.93 -17.96
C SER A 143 2.97 -21.79 -17.08
N VAL A 144 2.78 -21.85 -15.77
CA VAL A 144 3.91 -21.78 -14.85
C VAL A 144 4.84 -22.99 -15.05
N LEU A 145 4.27 -24.17 -15.33
CA LEU A 145 5.14 -25.32 -15.55
C LEU A 145 6.01 -25.11 -16.78
N ASP A 146 5.47 -24.50 -17.85
CA ASP A 146 6.29 -24.21 -19.02
C ASP A 146 7.54 -23.44 -18.63
N ARG A 147 7.41 -22.46 -17.75
CA ARG A 147 8.63 -21.74 -17.37
C ARG A 147 9.51 -22.57 -16.45
N ILE A 148 8.92 -23.29 -15.49
CA ILE A 148 9.73 -24.09 -14.56
C ILE A 148 10.62 -25.06 -15.36
N LYS A 149 10.09 -25.66 -16.41
CA LYS A 149 10.87 -26.60 -17.21
C LYS A 149 12.18 -26.00 -17.69
N THR A 150 12.22 -24.70 -17.97
CA THR A 150 13.38 -24.06 -18.59
C THR A 150 14.36 -23.49 -17.60
N LEU A 151 14.09 -23.57 -16.28
CA LEU A 151 14.98 -22.99 -15.31
C LEU A 151 16.11 -23.93 -14.91
N GLY A 152 15.99 -25.21 -15.21
CA GLY A 152 16.96 -26.20 -14.78
C GLY A 152 17.29 -26.06 -13.30
N LEU A 153 16.26 -26.07 -12.45
CA LEU A 153 16.46 -26.04 -11.01
C LEU A 153 16.96 -27.38 -10.47
N SER A 154 17.63 -27.32 -9.32
CA SER A 154 17.95 -28.53 -8.57
C SER A 154 16.67 -29.24 -8.16
N ARG A 155 16.82 -30.49 -7.70
CA ARG A 155 15.64 -31.25 -7.30
C ARG A 155 14.94 -30.63 -6.10
N LEU A 156 15.71 -30.16 -5.11
CA LEU A 156 15.08 -29.49 -3.98
C LEU A 156 14.33 -28.25 -4.46
N GLN A 157 14.99 -27.42 -5.27
CA GLN A 157 14.39 -26.17 -5.73
C GLN A 157 13.16 -26.44 -6.59
N GLN A 158 13.24 -27.42 -7.49
CA GLN A 158 12.07 -27.75 -8.29
C GLN A 158 10.91 -28.20 -7.40
N ALA A 159 11.19 -29.06 -6.41
CA ALA A 159 10.10 -29.50 -5.54
C ALA A 159 9.51 -28.34 -4.74
N GLN A 160 10.36 -27.43 -4.24
CA GLN A 160 9.88 -26.31 -3.47
C GLN A 160 9.00 -25.39 -4.30
N ILE A 161 9.49 -25.01 -5.48
CA ILE A 161 8.76 -24.04 -6.27
C ILE A 161 7.51 -24.69 -6.85
N ASN A 162 7.55 -25.97 -7.20
CA ASN A 162 6.33 -26.56 -7.69
C ASN A 162 5.29 -26.71 -6.59
N SER A 163 5.70 -26.98 -5.33
CA SER A 163 4.74 -26.96 -4.23
C SER A 163 4.11 -25.58 -4.06
N TYR A 164 4.95 -24.54 -3.96
CA TYR A 164 4.47 -23.16 -3.84
C TYR A 164 3.47 -22.85 -4.96
N MET A 165 3.82 -23.20 -6.21
CA MET A 165 2.99 -22.82 -7.36
C MET A 165 1.71 -23.65 -7.42
N ALA A 166 1.75 -24.93 -7.05
CA ALA A 166 0.52 -25.72 -6.99
C ALA A 166 -0.42 -25.16 -5.93
N LEU A 167 0.11 -24.70 -4.81
CA LEU A 167 -0.74 -24.06 -3.81
C LEU A 167 -1.39 -22.83 -4.41
N TYR A 168 -0.58 -21.95 -5.04
CA TYR A 168 -1.20 -20.72 -5.55
C TYR A 168 -2.19 -21.01 -6.67
N ALA A 169 -1.99 -22.08 -7.43
CA ALA A 169 -2.97 -22.47 -8.44
C ALA A 169 -4.18 -23.17 -7.84
N GLY A 170 -4.04 -23.77 -6.67
CA GLY A 170 -5.01 -24.75 -6.22
C GLY A 170 -5.27 -25.84 -7.23
N GLU A 171 -4.23 -26.28 -7.92
CA GLU A 171 -4.33 -27.15 -9.09
C GLU A 171 -2.91 -27.55 -9.43
N THR A 172 -2.77 -28.48 -10.39
CA THR A 172 -1.44 -28.81 -10.86
C THR A 172 -0.90 -27.69 -11.73
N THR A 173 0.43 -27.53 -11.73
CA THR A 173 1.03 -26.30 -12.25
C THR A 173 1.04 -26.25 -13.77
N ASP A 174 0.73 -27.36 -14.46
CA ASP A 174 0.57 -27.29 -15.91
C ASP A 174 -0.70 -26.56 -16.32
N LYS A 175 -1.63 -26.33 -15.39
CA LYS A 175 -2.83 -25.55 -15.72
C LYS A 175 -2.73 -24.09 -15.29
N PHE A 176 -1.68 -23.73 -14.56
CA PHE A 176 -1.59 -22.43 -13.87
C PHE A 176 -1.00 -21.39 -14.81
N GLY A 177 -1.72 -20.28 -15.01
CA GLY A 177 -1.22 -19.22 -15.89
C GLY A 177 0.01 -18.56 -15.28
N LEU A 178 1.00 -18.24 -16.12
CA LEU A 178 2.28 -17.68 -15.67
C LEU A 178 2.24 -16.17 -15.34
N PRO A 179 1.64 -15.34 -16.19
CA PRO A 179 1.67 -13.88 -15.93
C PRO A 179 1.07 -13.48 -14.60
N GLY A 180 -0.01 -14.16 -14.15
CA GLY A 180 -0.60 -13.82 -12.85
C GLY A 180 0.39 -13.94 -11.70
N VAL A 181 1.28 -14.94 -11.76
CA VAL A 181 2.31 -15.12 -10.72
C VAL A 181 3.37 -14.04 -10.82
N LEU A 182 3.87 -13.79 -12.03
CA LEU A 182 4.83 -12.70 -12.17
C LEU A 182 4.24 -11.39 -11.64
N LYS A 183 2.96 -11.17 -11.87
CA LYS A 183 2.33 -9.92 -11.44
C LYS A 183 2.28 -9.85 -9.92
N LEU A 184 1.92 -10.95 -9.26
CA LEU A 184 1.93 -10.93 -7.79
C LEU A 184 3.32 -10.62 -7.26
N PHE A 185 4.35 -11.24 -7.85
CA PHE A 185 5.74 -10.97 -7.46
C PHE A 185 6.07 -9.47 -7.60
N ALA A 186 5.66 -8.86 -8.70
CA ALA A 186 5.85 -7.42 -8.89
C ALA A 186 5.14 -6.61 -7.80
N CYS A 187 3.87 -6.94 -7.51
CA CYS A 187 3.15 -6.28 -6.42
C CYS A 187 3.97 -6.30 -5.12
N GLY A 188 4.68 -7.39 -4.86
CA GLY A 188 5.50 -7.54 -3.67
C GLY A 188 6.87 -6.90 -3.77
N GLY A 189 6.99 -5.76 -4.45
CA GLY A 189 8.26 -5.07 -4.51
C GLY A 189 9.28 -5.66 -5.45
N TRP A 190 8.85 -6.53 -6.38
CA TRP A 190 9.75 -7.20 -7.32
C TRP A 190 10.91 -7.93 -6.63
N ASN A 191 10.65 -8.56 -5.49
N ASN A 191 10.65 -8.54 -5.47
CA ASN A 191 11.75 -9.28 -4.88
CA ASN A 191 11.72 -9.16 -4.67
C ASN A 191 11.20 -10.34 -3.93
C ASN A 191 11.15 -10.36 -3.92
N TYR A 192 11.89 -11.47 -3.89
CA TYR A 192 11.37 -12.64 -3.20
C TYR A 192 11.19 -12.38 -1.71
N ASP A 193 12.16 -11.76 -1.06
CA ASP A 193 12.08 -11.59 0.40
C ASP A 193 10.84 -10.80 0.77
N ALA A 194 10.65 -9.62 0.14
CA ALA A 194 9.45 -8.82 0.39
C ALA A 194 8.19 -9.61 0.07
N PHE A 195 8.16 -10.22 -1.12
CA PHE A 195 6.95 -10.93 -1.55
C PHE A 195 6.55 -11.99 -0.55
N MET A 196 7.49 -12.85 -0.18
CA MET A 196 7.22 -13.94 0.76
C MET A 196 6.75 -13.40 2.10
N ASP A 197 7.36 -12.29 2.57
CA ASP A 197 6.89 -11.67 3.79
C ASP A 197 5.39 -11.31 3.72
N THR A 198 4.88 -10.95 2.53
CA THR A 198 3.45 -10.61 2.46
C THR A 198 2.49 -11.82 2.57
N GLU A 199 2.97 -13.06 2.48
CA GLU A 199 1.99 -14.11 2.18
C GLU A 199 1.56 -14.91 3.40
N THR A 200 2.40 -15.14 4.41
CA THR A 200 1.91 -15.93 5.55
C THR A 200 2.60 -15.51 6.85
N HIS A 201 2.87 -14.22 7.02
CA HIS A 201 3.57 -13.77 8.23
C HIS A 201 2.68 -13.05 9.24
N TYR A 202 1.85 -12.07 8.80
CA TYR A 202 1.08 -11.23 9.72
C TYR A 202 -0.42 -11.45 9.54
N ARG A 203 -1.13 -11.52 10.68
CA ARG A 203 -2.57 -11.63 10.68
C ARG A 203 -3.15 -10.29 11.16
N ILE A 204 -4.45 -10.11 10.93
CA ILE A 204 -5.16 -8.90 11.33
C ILE A 204 -5.51 -8.99 12.81
N GLN A 205 -5.07 -8.02 13.61
CA GLN A 205 -5.47 -7.94 15.00
C GLN A 205 -7.00 -7.87 15.12
N GLY A 206 -7.57 -8.79 15.91
CA GLY A 206 -9.03 -8.89 15.94
C GLY A 206 -9.66 -9.70 14.83
N GLY A 207 -8.89 -10.24 13.91
CA GLY A 207 -9.50 -11.15 12.96
C GLY A 207 -10.07 -10.49 11.71
N THR A 208 -10.14 -11.31 10.64
CA THR A 208 -10.85 -10.86 9.43
C THR A 208 -12.26 -10.43 9.76
N ILE A 209 -12.94 -11.15 10.68
CA ILE A 209 -14.34 -10.83 10.93
C ILE A 209 -14.44 -9.50 11.66
N GLY A 210 -13.46 -9.15 12.48
CA GLY A 210 -13.46 -7.83 13.09
C GLY A 210 -13.37 -6.72 12.05
N LEU A 211 -12.54 -6.90 11.02
CA LEU A 211 -12.51 -5.82 10.02
C LEU A 211 -13.82 -5.77 9.18
N ILE A 212 -14.34 -6.95 8.81
CA ILE A 212 -15.63 -7.00 8.12
C ILE A 212 -16.70 -6.25 8.92
N ASN A 213 -16.81 -6.57 10.20
CA ASN A 213 -17.81 -5.96 11.06
C ASN A 213 -17.58 -4.45 11.17
N ALA A 214 -16.33 -4.02 11.31
CA ALA A 214 -16.09 -2.58 11.41
C ALA A 214 -16.60 -1.84 10.17
N MET A 215 -16.25 -2.35 8.99
CA MET A 215 -16.71 -1.75 7.73
C MET A 215 -18.24 -1.73 7.64
N LEU A 216 -18.89 -2.85 7.99
CA LEU A 216 -20.35 -2.88 7.84
C LEU A 216 -21.02 -2.00 8.87
N THR A 217 -20.52 -1.99 10.11
CA THR A 217 -21.10 -1.06 11.09
C THR A 217 -20.97 0.36 10.61
N ASP A 218 -19.75 0.74 10.18
CA ASP A 218 -19.51 2.03 9.57
C ASP A 218 -20.52 2.34 8.48
N SER A 219 -20.86 1.33 7.67
CA SER A 219 -21.62 1.58 6.45
C SER A 219 -23.04 2.06 6.72
N GLY A 220 -23.63 1.68 7.86
CA GLY A 220 -25.04 1.94 8.07
C GLY A 220 -25.98 1.09 7.20
N ALA A 221 -25.46 0.24 6.33
CA ALA A 221 -26.30 -0.51 5.39
C ALA A 221 -27.18 -1.50 6.13
N GLU A 222 -28.30 -1.84 5.49
CA GLU A 222 -29.11 -2.95 5.96
C GLU A 222 -28.46 -4.25 5.49
N VAL A 223 -28.31 -5.22 6.38
CA VAL A 223 -27.65 -6.48 6.07
C VAL A 223 -28.60 -7.64 6.31
N ARG A 224 -28.76 -8.52 5.30
CA ARG A 224 -29.59 -9.71 5.42
C ARG A 224 -28.76 -10.94 5.08
N MET A 225 -28.86 -11.95 5.91
CA MET A 225 -28.09 -13.18 5.77
C MET A 225 -29.01 -14.34 5.39
N SER A 226 -28.41 -15.42 4.91
CA SER A 226 -29.18 -16.56 4.45
C SER A 226 -30.14 -16.21 3.32
N VAL A 227 -29.77 -15.26 2.47
CA VAL A 227 -30.66 -14.82 1.39
C VAL A 227 -29.88 -14.85 0.09
N PRO A 228 -29.88 -15.96 -0.63
CA PRO A 228 -29.17 -16.02 -1.91
C PRO A 228 -29.95 -15.34 -3.03
N VAL A 229 -29.22 -14.58 -3.84
CA VAL A 229 -29.78 -14.03 -5.06
C VAL A 229 -29.71 -15.08 -6.14
N THR A 230 -30.79 -15.25 -6.91
CA THR A 230 -30.82 -16.26 -7.98
C THR A 230 -31.11 -15.65 -9.33
N ALA A 231 -31.57 -14.40 -9.39
CA ALA A 231 -31.80 -13.77 -10.68
C ALA A 231 -31.66 -12.26 -10.52
N VAL A 232 -31.22 -11.62 -11.58
CA VAL A 232 -31.13 -10.16 -11.64
C VAL A 232 -31.64 -9.74 -13.00
N GLU A 233 -32.56 -8.77 -13.02
CA GLU A 233 -33.13 -8.28 -14.26
C GLU A 233 -33.03 -6.76 -14.29
N GLN A 234 -32.47 -6.22 -15.37
CA GLN A 234 -32.44 -4.78 -15.61
C GLN A 234 -33.73 -4.35 -16.32
N VAL A 235 -34.47 -3.45 -15.70
CA VAL A 235 -35.78 -3.07 -16.21
C VAL A 235 -36.14 -1.78 -15.54
N ASN A 236 -36.88 -0.93 -16.27
CA ASN A 236 -37.38 0.34 -15.72
C ASN A 236 -36.24 1.26 -15.28
N GLY A 237 -35.08 1.12 -15.92
CA GLY A 237 -33.98 2.00 -15.61
C GLY A 237 -33.26 1.66 -14.31
N GLY A 238 -33.53 0.51 -13.74
CA GLY A 238 -32.82 0.04 -12.55
C GLY A 238 -32.77 -1.46 -12.64
N VAL A 239 -32.86 -2.14 -11.50
CA VAL A 239 -32.69 -3.59 -11.46
C VAL A 239 -33.71 -4.19 -10.52
N LYS A 240 -34.22 -5.36 -10.90
CA LYS A 240 -35.04 -6.24 -10.07
C LYS A 240 -34.17 -7.40 -9.66
N ILE A 241 -34.05 -7.62 -8.35
CA ILE A 241 -33.27 -8.71 -7.79
C ILE A 241 -34.25 -9.73 -7.20
N LYS A 242 -34.09 -10.98 -7.59
CA LYS A 242 -34.92 -12.07 -7.09
C LYS A 242 -34.08 -12.98 -6.21
N THR A 243 -34.60 -13.35 -5.05
CA THR A 243 -33.98 -14.31 -4.17
C THR A 243 -34.59 -15.71 -4.40
N ASP A 244 -34.05 -16.69 -3.71
CA ASP A 244 -34.41 -18.08 -3.98
C ASP A 244 -35.86 -18.37 -3.63
N ASP A 245 -36.45 -17.62 -2.70
CA ASP A 245 -37.87 -17.78 -2.38
C ASP A 245 -38.78 -16.89 -3.24
N ASP A 246 -38.24 -16.29 -4.31
CA ASP A 246 -38.95 -15.53 -5.33
C ASP A 246 -39.35 -14.13 -4.89
N GLU A 247 -38.91 -13.66 -3.73
CA GLU A 247 -39.09 -12.27 -3.36
C GLU A 247 -38.28 -11.36 -4.28
N ILE A 248 -38.75 -10.13 -4.46
CA ILE A 248 -38.19 -9.19 -5.40
C ILE A 248 -37.84 -7.90 -4.65
N ILE A 249 -36.61 -7.42 -4.88
CA ILE A 249 -36.12 -6.15 -4.36
C ILE A 249 -35.68 -5.31 -5.56
N THR A 250 -36.04 -4.03 -5.58
CA THR A 250 -35.64 -3.19 -6.67
C THR A 250 -34.54 -2.25 -6.20
N ALA A 251 -33.72 -1.80 -7.15
CA ALA A 251 -32.63 -0.90 -6.81
C ALA A 251 -32.17 -0.14 -8.04
N GLY A 252 -31.54 1.02 -7.81
CA GLY A 252 -30.97 1.76 -8.93
C GLY A 252 -29.75 1.07 -9.52
N VAL A 253 -28.99 0.36 -8.70
CA VAL A 253 -27.71 -0.23 -9.10
C VAL A 253 -27.48 -1.45 -8.23
N VAL A 254 -26.87 -2.50 -8.81
CA VAL A 254 -26.47 -3.69 -8.05
C VAL A 254 -24.97 -3.88 -8.20
N VAL A 255 -24.33 -4.25 -7.09
CA VAL A 255 -22.91 -4.60 -7.08
C VAL A 255 -22.80 -6.11 -6.85
N MET A 256 -22.35 -6.85 -7.86
CA MET A 256 -22.14 -8.29 -7.72
C MET A 256 -20.74 -8.55 -7.17
N THR A 257 -20.64 -9.27 -6.05
CA THR A 257 -19.32 -9.62 -5.51
C THR A 257 -19.15 -11.12 -5.27
N VAL A 258 -20.08 -11.96 -5.76
CA VAL A 258 -20.04 -13.41 -5.49
C VAL A 258 -18.83 -13.98 -6.22
N PRO A 259 -18.29 -15.12 -5.79
CA PRO A 259 -17.11 -15.68 -6.48
C PRO A 259 -17.47 -16.10 -7.88
N LEU A 260 -16.52 -15.90 -8.79
CA LEU A 260 -16.72 -16.26 -10.18
C LEU A 260 -17.33 -17.65 -10.32
N ASN A 261 -16.78 -18.64 -9.61
CA ASN A 261 -17.23 -20.03 -9.75
C ASN A 261 -18.65 -20.25 -9.26
N THR A 262 -19.30 -19.27 -8.66
CA THR A 262 -20.69 -19.47 -8.23
C THR A 262 -21.70 -18.77 -9.11
N TYR A 263 -21.26 -18.12 -10.21
CA TYR A 263 -22.20 -17.39 -11.07
C TYR A 263 -23.25 -18.30 -11.71
N LYS A 264 -23.01 -19.62 -11.76
CA LYS A 264 -24.03 -20.49 -12.32
C LYS A 264 -25.32 -20.47 -11.50
N HIS A 265 -25.31 -19.97 -10.24
CA HIS A 265 -26.55 -19.93 -9.47
C HIS A 265 -27.49 -18.78 -9.86
N ILE A 266 -27.08 -17.87 -10.74
CA ILE A 266 -27.72 -16.58 -10.94
C ILE A 266 -28.06 -16.40 -12.41
N ASP A 267 -29.34 -16.13 -12.71
CA ASP A 267 -29.78 -15.84 -14.06
C ASP A 267 -29.80 -14.33 -14.28
N PHE A 268 -29.19 -13.88 -15.37
CA PHE A 268 -29.14 -12.46 -15.69
C PHE A 268 -30.03 -12.17 -16.89
N THR A 269 -30.90 -11.16 -16.75
CA THR A 269 -31.66 -10.62 -17.87
C THR A 269 -31.39 -9.13 -18.05
N PRO A 270 -30.95 -8.68 -19.24
CA PRO A 270 -30.55 -9.51 -20.38
C PRO A 270 -29.29 -10.29 -20.02
N ALA A 271 -28.93 -11.27 -20.85
CA ALA A 271 -27.72 -12.03 -20.65
C ALA A 271 -26.51 -11.12 -20.52
N LEU A 272 -25.52 -11.57 -19.76
CA LEU A 272 -24.28 -10.81 -19.70
C LEU A 272 -23.53 -10.95 -21.04
N SER A 273 -22.51 -10.13 -21.20
CA SER A 273 -21.73 -10.10 -22.42
C SER A 273 -21.03 -11.44 -22.66
N LYS A 274 -20.69 -11.68 -23.92
CA LYS A 274 -20.04 -12.94 -24.28
C LYS A 274 -18.72 -13.12 -23.53
N GLY A 275 -17.92 -12.06 -23.40
CA GLY A 275 -16.68 -12.19 -22.65
C GLY A 275 -16.90 -12.63 -21.22
N LYS A 276 -17.91 -12.07 -20.56
CA LYS A 276 -18.24 -12.51 -19.20
C LYS A 276 -18.75 -13.94 -19.19
N GLN A 277 -19.59 -14.29 -20.16
CA GLN A 277 -20.11 -15.65 -20.19
C GLN A 277 -18.97 -16.67 -20.36
N ARG A 278 -17.98 -16.33 -21.19
CA ARG A 278 -16.81 -17.19 -21.31
C ARG A 278 -16.07 -17.33 -19.96
N PHE A 279 -15.85 -16.23 -19.26
CA PHE A 279 -15.21 -16.36 -17.95
C PHE A 279 -16.03 -17.23 -17.00
N ILE A 280 -17.35 -17.09 -17.04
CA ILE A 280 -18.21 -17.86 -16.13
C ILE A 280 -18.18 -19.34 -16.47
N LYS A 281 -18.18 -19.67 -17.77
CA LYS A 281 -18.05 -21.07 -18.15
C LYS A 281 -16.67 -21.62 -17.73
N GLU A 282 -15.60 -20.84 -17.89
CA GLU A 282 -14.28 -21.34 -17.51
C GLU A 282 -14.11 -21.40 -15.99
N GLY A 283 -14.60 -20.41 -15.27
CA GLY A 283 -14.33 -20.33 -13.86
C GLY A 283 -12.85 -20.07 -13.59
N GLN A 284 -12.52 -20.04 -12.31
CA GLN A 284 -11.13 -19.93 -11.89
C GLN A 284 -10.66 -21.27 -11.34
N LEU A 285 -9.32 -21.43 -11.25
CA LEU A 285 -8.72 -22.76 -11.17
C LEU A 285 -8.80 -23.42 -9.79
N SER A 286 -8.80 -22.66 -8.70
CA SER A 286 -8.37 -23.22 -7.42
C SER A 286 -9.38 -24.21 -6.84
N LYS A 287 -8.85 -25.35 -6.35
CA LYS A 287 -9.67 -26.40 -5.75
C LYS A 287 -9.23 -26.68 -4.32
N GLY A 288 -8.73 -25.63 -3.61
CA GLY A 288 -8.09 -25.84 -2.33
C GLY A 288 -9.03 -26.04 -1.14
N ALA A 289 -8.42 -26.33 0.01
CA ALA A 289 -9.15 -26.39 1.27
C ALA A 289 -8.15 -26.04 2.36
N LYS A 290 -8.65 -25.88 3.59
CA LYS A 290 -7.76 -25.53 4.69
C LYS A 290 -8.10 -26.38 5.92
N LEU A 291 -7.06 -26.64 6.73
CA LEU A 291 -7.18 -27.51 7.88
C LEU A 291 -6.23 -27.05 8.98
N TYR A 292 -6.70 -27.06 10.22
CA TYR A 292 -5.84 -26.93 11.38
C TYR A 292 -5.78 -28.28 12.10
N VAL A 293 -4.61 -28.63 12.65
CA VAL A 293 -4.43 -29.89 13.33
C VAL A 293 -3.75 -29.65 14.67
N HIS A 294 -4.30 -30.24 15.71
CA HIS A 294 -3.75 -30.15 17.05
C HIS A 294 -3.09 -31.49 17.35
N VAL A 295 -1.77 -31.44 17.57
CA VAL A 295 -0.99 -32.60 18.00
C VAL A 295 -0.44 -32.36 19.41
N LYS A 296 -0.23 -33.46 20.12
CA LYS A 296 0.22 -33.41 21.52
C LYS A 296 1.63 -32.84 21.63
N GLN A 297 2.54 -33.28 20.75
CA GLN A 297 3.95 -32.92 20.83
C GLN A 297 4.18 -31.44 20.50
N ASN A 298 5.23 -30.87 21.09
CA ASN A 298 5.67 -29.52 20.76
C ASN A 298 6.70 -29.62 19.65
N LEU A 299 6.27 -29.35 18.43
CA LEU A 299 7.12 -29.33 17.26
C LEU A 299 7.81 -27.98 17.05
N GLY A 300 7.51 -26.98 17.84
CA GLY A 300 8.22 -25.76 17.66
C GLY A 300 7.72 -25.03 16.43
N ARG A 301 8.61 -24.21 15.87
CA ARG A 301 8.27 -23.36 14.71
C ARG A 301 8.66 -24.13 13.45
N VAL A 302 7.65 -24.58 12.69
CA VAL A 302 7.86 -25.44 11.53
C VAL A 302 7.27 -24.81 10.28
N PHE A 303 7.89 -25.18 9.16
CA PHE A 303 7.38 -24.89 7.83
C PHE A 303 7.64 -26.09 6.92
N ALA A 304 6.62 -26.51 6.18
CA ALA A 304 6.79 -27.61 5.23
C ALA A 304 6.08 -27.29 3.92
N PHE A 305 6.76 -27.61 2.82
CA PHE A 305 6.15 -27.75 1.50
C PHE A 305 5.90 -29.24 1.23
N ALA A 306 4.80 -29.55 0.54
CA ALA A 306 4.58 -30.83 -0.10
C ALA A 306 4.25 -30.58 -1.55
N ASP A 307 4.91 -31.29 -2.45
CA ASP A 307 4.69 -31.13 -3.87
C ASP A 307 3.28 -31.62 -4.26
N GLU A 308 2.91 -31.36 -5.52
CA GLU A 308 1.50 -31.36 -5.91
C GLU A 308 0.85 -32.75 -5.90
N GLN A 309 1.62 -33.83 -5.95
CA GLN A 309 0.96 -35.13 -5.86
C GLN A 309 0.62 -35.51 -4.43
N GLN A 310 1.04 -34.72 -3.45
CA GLN A 310 0.75 -34.97 -2.04
C GLN A 310 -0.21 -33.92 -1.48
N PRO A 311 -0.86 -34.21 -0.37
CA PRO A 311 -1.98 -33.37 0.09
C PRO A 311 -1.66 -32.20 1.03
N LEU A 312 -0.59 -32.26 1.83
CA LEU A 312 -0.38 -31.21 2.84
C LEU A 312 0.65 -30.21 2.33
N ASN A 313 0.20 -29.40 1.37
CA ASN A 313 1.11 -28.68 0.51
C ASN A 313 1.78 -27.50 1.22
N TRP A 314 1.10 -26.84 2.16
CA TRP A 314 1.69 -25.70 2.85
C TRP A 314 1.39 -25.80 4.35
N VAL A 315 2.41 -26.09 5.17
CA VAL A 315 2.24 -26.29 6.60
C VAL A 315 3.06 -25.25 7.36
N GLN A 316 2.43 -24.61 8.37
CA GLN A 316 3.10 -23.66 9.25
C GLN A 316 2.65 -23.90 10.67
N THR A 317 3.46 -23.41 11.62
CA THR A 317 3.01 -23.40 13.01
C THR A 317 2.10 -22.21 13.28
N ARG A 318 0.89 -22.47 13.76
CA ARG A 318 0.01 -21.43 14.27
C ARG A 318 0.24 -21.15 15.75
N ASP A 319 0.55 -22.18 16.55
CA ASP A 319 0.83 -22.02 17.98
C ASP A 319 1.60 -23.25 18.48
N TYR A 320 2.44 -23.03 19.50
CA TYR A 320 3.23 -24.13 20.06
C TYR A 320 3.61 -23.82 21.51
N SER A 321 3.76 -24.89 22.30
CA SER A 321 4.24 -24.84 23.66
C SER A 321 4.25 -26.26 24.20
N ASP A 322 5.07 -26.46 25.24
CA ASP A 322 5.08 -27.76 25.92
C ASP A 322 3.72 -28.08 26.51
N GLU A 323 3.04 -27.07 27.07
CA GLU A 323 1.77 -27.32 27.74
C GLU A 323 0.69 -27.74 26.74
N LEU A 324 0.51 -26.95 25.68
CA LEU A 324 -0.62 -27.15 24.77
C LEU A 324 -0.32 -28.11 23.61
N GLY A 325 0.95 -28.39 23.32
CA GLY A 325 1.32 -29.12 22.12
C GLY A 325 1.51 -28.17 20.94
N THR A 326 1.12 -28.59 19.74
CA THR A 326 1.24 -27.76 18.55
C THR A 326 -0.08 -27.69 17.81
N ILE A 327 -0.38 -26.50 17.27
CA ILE A 327 -1.42 -26.33 16.28
C ILE A 327 -0.74 -26.01 14.95
N LEU A 328 -1.01 -26.86 13.95
CA LEU A 328 -0.51 -26.69 12.60
C LEU A 328 -1.60 -26.09 11.73
N SER A 329 -1.24 -25.08 10.96
CA SER A 329 -2.09 -24.55 9.91
C SER A 329 -1.62 -25.16 8.58
N ILE A 330 -2.56 -25.72 7.81
CA ILE A 330 -2.26 -26.55 6.64
C ILE A 330 -3.17 -26.13 5.52
N THR A 331 -2.60 -25.64 4.43
CA THR A 331 -3.37 -25.34 3.23
C THR A 331 -3.13 -26.42 2.18
N ILE A 332 -4.25 -26.90 1.63
CA ILE A 332 -4.28 -28.00 0.66
C ILE A 332 -4.57 -27.40 -0.70
N ALA A 333 -3.74 -27.73 -1.67
CA ALA A 333 -3.92 -27.18 -3.01
C ALA A 333 -5.13 -27.77 -3.69
N ARG A 334 -5.34 -29.10 -3.60
CA ARG A 334 -6.38 -29.81 -4.34
C ARG A 334 -7.18 -30.71 -3.41
N LYS A 335 -8.44 -30.38 -3.21
CA LYS A 335 -9.27 -31.17 -2.31
C LYS A 335 -9.36 -32.64 -2.75
N GLU A 336 -9.06 -32.96 -4.01
CA GLU A 336 -9.07 -34.37 -4.44
C GLU A 336 -7.90 -35.19 -3.87
N THR A 337 -6.88 -34.55 -3.29
CA THR A 337 -5.78 -35.34 -2.74
C THR A 337 -6.08 -35.80 -1.32
N ILE A 338 -7.08 -35.23 -0.67
CA ILE A 338 -7.36 -35.57 0.71
C ILE A 338 -8.75 -35.03 1.02
N ASP A 339 -9.54 -35.84 1.72
CA ASP A 339 -10.82 -35.43 2.23
C ASP A 339 -10.57 -34.82 3.62
N VAL A 340 -10.48 -33.49 3.66
CA VAL A 340 -10.14 -32.80 4.90
C VAL A 340 -11.17 -33.03 5.99
N ASN A 341 -12.38 -33.49 5.65
CA ASN A 341 -13.40 -33.81 6.64
C ASN A 341 -13.36 -35.27 7.07
N ASP A 342 -12.36 -36.02 6.62
CA ASP A 342 -12.17 -37.42 6.98
C ASP A 342 -11.02 -37.47 7.97
N ARG A 343 -11.34 -37.57 9.26
CA ARG A 343 -10.31 -37.43 10.30
C ARG A 343 -9.25 -38.51 10.23
N ASP A 344 -9.63 -39.72 9.82
CA ASP A 344 -8.66 -40.81 9.75
C ASP A 344 -7.62 -40.54 8.67
N ALA A 345 -8.07 -40.21 7.46
CA ALA A 345 -7.15 -39.81 6.41
C ALA A 345 -6.26 -38.67 6.87
N VAL A 346 -6.84 -37.68 7.56
CA VAL A 346 -6.04 -36.53 8.00
C VAL A 346 -4.92 -36.98 8.93
N THR A 347 -5.23 -37.86 9.87
CA THR A 347 -4.20 -38.31 10.79
C THR A 347 -3.12 -39.10 10.07
N ARG A 348 -3.53 -39.96 9.13
CA ARG A 348 -2.55 -40.69 8.34
C ARG A 348 -1.58 -39.74 7.64
N GLU A 349 -2.12 -38.71 6.99
CA GLU A 349 -1.26 -37.84 6.20
C GLU A 349 -0.36 -36.99 7.09
N VAL A 350 -0.89 -36.49 8.21
CA VAL A 350 -0.07 -35.70 9.13
C VAL A 350 1.08 -36.55 9.68
N GLN A 351 0.79 -37.83 9.96
CA GLN A 351 1.83 -38.69 10.48
C GLN A 351 2.86 -39.02 9.41
N LYS A 352 2.42 -39.21 8.16
CA LYS A 352 3.38 -39.33 7.07
C LYS A 352 4.36 -38.17 7.13
N MET A 353 3.84 -36.94 7.31
N MET A 353 3.85 -36.94 7.32
CA MET A 353 4.74 -35.78 7.32
CA MET A 353 4.74 -35.78 7.32
C MET A 353 5.54 -35.67 8.63
C MET A 353 5.53 -35.66 8.62
N PHE A 354 4.92 -36.00 9.78
CA PHE A 354 5.58 -35.92 11.08
C PHE A 354 5.38 -37.26 11.82
N PRO A 355 6.14 -38.29 11.46
CA PRO A 355 5.89 -39.61 12.04
C PRO A 355 6.07 -39.61 13.56
N GLY A 356 5.15 -40.27 14.26
CA GLY A 356 5.16 -40.35 15.70
C GLY A 356 4.17 -39.46 16.43
N VAL A 357 3.63 -38.41 15.78
CA VAL A 357 2.79 -37.46 16.51
C VAL A 357 1.42 -38.07 16.82
N GLU A 358 0.84 -37.68 17.96
CA GLU A 358 -0.53 -38.04 18.32
C GLU A 358 -1.46 -36.89 17.94
N VAL A 359 -2.51 -37.19 17.16
CA VAL A 359 -3.43 -36.16 16.67
C VAL A 359 -4.57 -35.99 17.68
N LEU A 360 -4.60 -34.84 18.35
CA LEU A 360 -5.63 -34.57 19.34
C LEU A 360 -6.90 -33.99 18.74
N GLY A 361 -6.80 -33.32 17.61
CA GLY A 361 -8.03 -32.87 16.97
C GLY A 361 -7.73 -32.13 15.68
N THR A 362 -8.82 -31.78 14.95
CA THR A 362 -8.75 -31.07 13.68
C THR A 362 -9.91 -30.11 13.53
N ALA A 363 -9.72 -29.11 12.69
CA ALA A 363 -10.80 -28.24 12.24
C ALA A 363 -10.55 -27.93 10.79
N ALA A 364 -11.55 -28.14 9.94
CA ALA A 364 -11.30 -28.06 8.51
C ALA A 364 -12.41 -27.27 7.82
N TYR A 365 -12.09 -26.81 6.63
CA TYR A 365 -13.04 -26.10 5.80
C TYR A 365 -12.77 -26.50 4.35
N ASP A 366 -13.76 -27.12 3.73
CA ASP A 366 -13.66 -27.55 2.33
C ASP A 366 -14.26 -26.43 1.47
N TRP A 367 -13.43 -25.44 1.12
CA TRP A 367 -13.89 -24.32 0.32
C TRP A 367 -14.40 -24.75 -1.04
N THR A 368 -13.87 -25.85 -1.58
CA THR A 368 -14.24 -26.28 -2.92
C THR A 368 -15.64 -26.88 -2.95
N ALA A 369 -16.06 -27.62 -1.90
CA ALA A 369 -17.40 -28.19 -1.85
C ALA A 369 -18.47 -27.18 -1.42
N ASP A 370 -18.09 -26.12 -0.72
CA ASP A 370 -19.06 -25.10 -0.27
C ASP A 370 -19.76 -24.43 -1.45
N PRO A 371 -21.10 -24.49 -1.54
CA PRO A 371 -21.78 -23.94 -2.75
C PRO A 371 -21.57 -22.44 -2.96
N PHE A 372 -21.18 -21.68 -1.93
CA PHE A 372 -21.04 -20.23 -2.08
C PHE A 372 -19.58 -19.78 -2.20
N SER A 373 -18.66 -20.73 -2.42
CA SER A 373 -17.34 -20.42 -2.97
C SER A 373 -17.00 -21.29 -4.19
N LEU A 374 -17.25 -22.60 -4.10
CA LEU A 374 -16.96 -23.54 -5.18
C LEU A 374 -15.51 -23.41 -5.66
N GLY A 375 -14.62 -23.31 -4.69
CA GLY A 375 -13.22 -23.06 -4.98
C GLY A 375 -12.63 -22.24 -3.84
N ALA A 376 -11.35 -21.97 -3.93
CA ALA A 376 -10.66 -21.20 -2.89
C ALA A 376 -10.24 -19.84 -3.46
N TRP A 377 -9.03 -19.38 -3.22
CA TRP A 377 -8.51 -18.12 -3.74
C TRP A 377 -8.51 -18.09 -5.26
N ALA A 378 -8.58 -16.88 -5.80
CA ALA A 378 -8.55 -16.68 -7.24
C ALA A 378 -7.25 -17.18 -7.84
N ALA A 379 -7.37 -18.04 -8.88
CA ALA A 379 -6.23 -18.57 -9.61
C ALA A 379 -6.57 -18.62 -11.09
N TYR A 380 -5.82 -17.85 -11.91
CA TYR A 380 -6.08 -17.79 -13.34
C TYR A 380 -5.41 -18.94 -14.09
N GLY A 381 -6.17 -19.55 -15.01
CA GLY A 381 -5.62 -20.48 -15.97
C GLY A 381 -4.97 -19.76 -17.13
N VAL A 382 -4.40 -20.55 -18.04
CA VAL A 382 -3.67 -19.99 -19.18
C VAL A 382 -4.61 -19.12 -20.00
N GLY A 383 -4.12 -17.94 -20.40
CA GLY A 383 -4.90 -17.06 -21.23
C GLY A 383 -5.94 -16.20 -20.51
N GLN A 384 -6.18 -16.40 -19.21
CA GLN A 384 -7.30 -15.69 -18.58
C GLN A 384 -6.96 -14.25 -18.20
N LEU A 385 -5.76 -14.00 -17.67
CA LEU A 385 -5.40 -12.63 -17.28
C LEU A 385 -5.58 -11.66 -18.44
N SER A 386 -5.24 -12.09 -19.66
CA SER A 386 -5.38 -11.26 -20.86
C SER A 386 -6.77 -10.71 -21.04
N ARG A 387 -7.76 -11.41 -20.53
CA ARG A 387 -9.16 -11.05 -20.77
C ARG A 387 -9.80 -10.46 -19.54
N LEU A 388 -9.01 -10.15 -18.50
CA LEU A 388 -9.57 -9.70 -17.22
C LEU A 388 -10.58 -8.56 -17.40
N LYS A 389 -10.35 -7.65 -18.35
CA LYS A 389 -11.25 -6.52 -18.50
C LYS A 389 -12.69 -6.98 -18.78
N ASP A 390 -12.86 -8.14 -19.44
CA ASP A 390 -14.20 -8.66 -19.69
C ASP A 390 -14.94 -8.89 -18.39
N LEU A 391 -14.25 -9.39 -17.40
CA LEU A 391 -14.83 -9.65 -16.10
C LEU A 391 -15.05 -8.35 -15.33
N GLN A 392 -14.17 -7.36 -15.51
CA GLN A 392 -14.29 -6.15 -14.72
C GLN A 392 -15.39 -5.24 -15.25
N ALA A 393 -15.76 -5.36 -16.52
CA ALA A 393 -16.60 -4.34 -17.14
C ALA A 393 -17.99 -4.33 -16.49
N ALA A 394 -18.50 -3.13 -16.23
CA ALA A 394 -19.89 -2.98 -15.82
C ALA A 394 -20.80 -3.35 -16.99
N GLU A 395 -21.98 -3.85 -16.68
CA GLU A 395 -22.98 -4.17 -17.71
C GLU A 395 -24.27 -3.43 -17.38
N GLY A 396 -24.46 -2.26 -18.00
CA GLY A 396 -25.59 -1.41 -17.64
C GLY A 396 -25.51 -0.99 -16.17
N ARG A 397 -26.57 -1.25 -15.41
CA ARG A 397 -26.64 -0.85 -14.02
C ARG A 397 -26.08 -1.92 -13.07
N ILE A 398 -25.34 -2.89 -13.59
CA ILE A 398 -24.74 -3.92 -12.74
C ILE A 398 -23.24 -3.71 -12.69
N VAL A 399 -22.71 -3.61 -11.48
CA VAL A 399 -21.29 -3.43 -11.23
C VAL A 399 -20.74 -4.75 -10.72
N PHE A 400 -19.51 -5.07 -11.11
CA PHE A 400 -18.89 -6.35 -10.78
C PHE A 400 -17.62 -6.11 -9.97
N ALA A 401 -17.48 -6.84 -8.90
CA ALA A 401 -16.34 -6.74 -8.02
C ALA A 401 -16.06 -8.14 -7.47
N GLY A 402 -15.19 -8.22 -6.47
CA GLY A 402 -14.64 -9.47 -6.01
C GLY A 402 -13.18 -9.60 -6.43
N ALA A 403 -12.46 -10.43 -5.67
CA ALA A 403 -10.99 -10.47 -5.80
C ALA A 403 -10.57 -10.92 -7.20
N GLU A 404 -11.29 -11.88 -7.77
CA GLU A 404 -11.04 -12.28 -9.16
C GLU A 404 -11.01 -11.10 -10.13
N THR A 405 -11.74 -10.01 -9.83
CA THR A 405 -11.85 -8.85 -10.73
C THR A 405 -10.84 -7.73 -10.42
N SER A 406 -9.98 -7.90 -9.43
CA SER A 406 -9.05 -6.84 -9.10
C SER A 406 -7.81 -6.89 -10.00
N ASN A 407 -7.09 -5.77 -10.03
CA ASN A 407 -5.89 -5.68 -10.86
C ASN A 407 -4.64 -6.12 -10.13
N GLY A 408 -4.56 -5.87 -8.81
CA GLY A 408 -3.32 -6.13 -8.09
C GLY A 408 -3.31 -7.49 -7.39
N TRP A 409 -3.50 -7.50 -6.06
CA TRP A 409 -3.36 -8.70 -5.23
C TRP A 409 -4.60 -9.58 -5.36
N HIS A 410 -4.76 -10.18 -6.56
CA HIS A 410 -6.02 -10.84 -6.90
C HIS A 410 -6.26 -12.10 -6.11
N ALA A 411 -5.22 -12.69 -5.51
CA ALA A 411 -5.38 -13.90 -4.73
C ALA A 411 -5.52 -13.59 -3.23
N SER A 412 -5.87 -12.33 -2.88
CA SER A 412 -5.79 -11.90 -1.49
C SER A 412 -7.04 -11.17 -1.04
N ILE A 413 -7.09 -10.93 0.26
CA ILE A 413 -8.07 -10.01 0.84
C ILE A 413 -7.92 -8.63 0.21
N ASP A 414 -6.67 -8.22 -0.04
CA ASP A 414 -6.41 -6.90 -0.58
C ASP A 414 -7.10 -6.67 -1.91
N GLY A 415 -7.04 -7.66 -2.80
CA GLY A 415 -7.72 -7.54 -4.09
C GLY A 415 -9.22 -7.39 -3.94
N ALA A 416 -9.81 -8.10 -2.98
CA ALA A 416 -11.23 -7.93 -2.69
C ALA A 416 -11.54 -6.49 -2.25
N VAL A 417 -10.77 -5.98 -1.30
CA VAL A 417 -10.99 -4.58 -0.88
C VAL A 417 -10.82 -3.62 -2.04
N GLU A 418 -9.77 -3.83 -2.84
CA GLU A 418 -9.52 -2.99 -4.03
C GLU A 418 -10.74 -2.93 -4.94
N SER A 419 -11.31 -4.11 -5.23
CA SER A 419 -12.48 -4.18 -6.10
C SER A 419 -13.70 -3.54 -5.45
N GLY A 420 -13.82 -3.59 -4.12
CA GLY A 420 -14.92 -2.91 -3.47
C GLY A 420 -14.78 -1.40 -3.49
N LEU A 421 -13.55 -0.88 -3.42
CA LEU A 421 -13.36 0.55 -3.59
C LEU A 421 -13.72 0.98 -5.01
N ARG A 422 -13.27 0.18 -6.00
CA ARG A 422 -13.66 0.46 -7.39
C ARG A 422 -15.17 0.44 -7.55
N ALA A 423 -15.84 -0.55 -6.95
CA ALA A 423 -17.29 -0.64 -7.07
C ALA A 423 -17.97 0.60 -6.49
N GLY A 424 -17.49 1.09 -5.34
CA GLY A 424 -18.13 2.27 -4.77
C GLY A 424 -18.01 3.46 -5.70
N ARG A 425 -16.82 3.66 -6.29
CA ARG A 425 -16.62 4.73 -7.24
C ARG A 425 -17.59 4.60 -8.42
N GLU A 426 -17.75 3.37 -8.94
CA GLU A 426 -18.62 3.14 -10.10
C GLU A 426 -20.10 3.38 -9.77
N VAL A 427 -20.53 2.98 -8.57
CA VAL A 427 -21.88 3.29 -8.12
C VAL A 427 -22.10 4.79 -8.08
N LYS A 428 -21.13 5.53 -7.51
CA LYS A 428 -21.23 6.99 -7.49
C LYS A 428 -21.38 7.55 -8.90
N GLN A 429 -20.60 7.01 -9.85
CA GLN A 429 -20.75 7.45 -11.22
C GLN A 429 -22.14 7.14 -11.77
N LEU A 430 -22.67 5.96 -11.48
CA LEU A 430 -23.96 5.57 -12.05
C LEU A 430 -25.11 6.36 -11.44
N LEU A 431 -24.96 6.80 -10.19
CA LEU A 431 -26.03 7.50 -9.48
C LEU A 431 -25.95 9.02 -9.64
N SER A 432 -24.99 9.56 -10.37
CA SER A 432 -24.86 11.01 -10.59
C SER A 432 -25.91 11.57 -11.58
N GLY B 1 -22.21 21.72 23.36
CA GLY B 1 -22.77 22.65 22.38
C GLY B 1 -21.78 23.65 21.80
N PHE B 2 -20.75 23.16 21.14
CA PHE B 2 -19.74 23.99 20.52
C PHE B 2 -20.16 24.38 19.10
N ASP B 3 -19.43 25.35 18.52
CA ASP B 3 -19.73 25.73 17.13
C ASP B 3 -19.61 24.54 16.19
N TYR B 4 -18.63 23.67 16.42
CA TYR B 4 -18.35 22.52 15.55
C TYR B 4 -17.99 21.33 16.42
N ASP B 5 -18.23 20.13 15.89
CA ASP B 5 -17.69 18.93 16.52
C ASP B 5 -16.17 18.92 16.46
N VAL B 6 -15.61 19.25 15.30
CA VAL B 6 -14.16 19.18 15.10
C VAL B 6 -13.73 20.29 14.17
N VAL B 7 -12.61 20.92 14.53
CA VAL B 7 -11.91 21.88 13.68
C VAL B 7 -10.58 21.26 13.27
N VAL B 8 -10.31 21.24 11.96
CA VAL B 8 -9.07 20.75 11.41
C VAL B 8 -8.24 21.96 11.01
N VAL B 9 -7.04 22.08 11.57
CA VAL B 9 -6.16 23.20 11.25
C VAL B 9 -5.17 22.74 10.18
N GLY B 10 -5.25 23.35 9.01
CA GLY B 10 -4.34 23.02 7.92
C GLY B 10 -5.05 22.29 6.80
N GLY B 11 -4.86 22.77 5.57
CA GLY B 11 -5.48 22.15 4.40
C GLY B 11 -4.51 21.53 3.40
N GLY B 12 -3.46 20.89 3.87
CA GLY B 12 -2.66 19.99 3.07
C GLY B 12 -3.30 18.61 3.08
N PHE B 13 -2.50 17.60 2.71
CA PHE B 13 -3.05 16.27 2.59
C PHE B 13 -3.46 15.69 3.95
N ALA B 14 -2.73 15.95 5.01
CA ALA B 14 -3.14 15.42 6.30
C ALA B 14 -4.48 16.00 6.74
N GLY B 15 -4.64 17.31 6.62
CA GLY B 15 -5.88 17.92 7.05
C GLY B 15 -7.06 17.58 6.15
N ALA B 16 -6.82 17.51 4.84
CA ALA B 16 -7.90 17.12 3.92
C ALA B 16 -8.37 15.70 4.20
N THR B 17 -7.43 14.81 4.46
CA THR B 17 -7.82 13.43 4.79
C THR B 17 -8.63 13.39 6.09
N ALA B 18 -8.12 14.04 7.14
CA ALA B 18 -8.85 14.05 8.42
C ALA B 18 -10.25 14.66 8.27
N ALA B 19 -10.38 15.75 7.50
CA ALA B 19 -11.70 16.35 7.32
C ALA B 19 -12.61 15.41 6.56
N ARG B 20 -12.07 14.71 5.55
CA ARG B 20 -12.88 13.74 4.83
C ARG B 20 -13.37 12.62 5.78
N GLU B 21 -12.47 12.11 6.62
CA GLU B 21 -12.88 11.05 7.56
C GLU B 21 -13.96 11.55 8.52
N CYS B 22 -13.76 12.76 9.07
CA CYS B 22 -14.74 13.28 10.04
C CYS B 22 -16.07 13.61 9.37
N GLY B 23 -16.03 14.26 8.22
CA GLY B 23 -17.27 14.65 7.56
C GLY B 23 -18.10 13.44 7.17
N LEU B 24 -17.45 12.38 6.69
CA LEU B 24 -18.24 11.18 6.34
C LEU B 24 -18.88 10.52 7.56
N GLN B 25 -18.40 10.82 8.77
CA GLN B 25 -19.09 10.31 9.95
C GLN B 25 -20.26 11.18 10.36
N GLY B 26 -20.48 12.30 9.67
CA GLY B 26 -21.54 13.18 10.02
C GLY B 26 -21.16 14.25 11.00
N TYR B 27 -19.91 14.32 11.42
CA TYR B 27 -19.50 15.36 12.36
C TYR B 27 -19.55 16.73 11.68
N ARG B 28 -20.03 17.72 12.41
CA ARG B 28 -20.00 19.09 11.91
C ARG B 28 -18.55 19.54 11.89
N THR B 29 -17.98 19.71 10.70
CA THR B 29 -16.54 19.83 10.53
C THR B 29 -16.18 21.16 9.89
N LEU B 30 -15.16 21.83 10.43
CA LEU B 30 -14.61 23.04 9.83
C LEU B 30 -13.11 22.85 9.62
N LEU B 31 -12.61 23.26 8.45
CA LEU B 31 -11.17 23.28 8.20
C LEU B 31 -10.71 24.73 8.04
N LEU B 32 -9.68 25.11 8.79
CA LEU B 32 -9.08 26.42 8.72
C LEU B 32 -7.70 26.31 8.07
N GLU B 33 -7.49 27.06 6.98
CA GLU B 33 -6.22 27.06 6.25
C GLU B 33 -5.64 28.47 6.27
N ALA B 34 -4.36 28.56 6.59
CA ALA B 34 -3.67 29.86 6.73
C ALA B 34 -3.41 30.55 5.39
N ARG B 35 -2.91 29.81 4.38
CA ARG B 35 -2.66 30.38 3.07
C ARG B 35 -3.99 30.65 2.36
N SER B 36 -3.93 31.42 1.27
CA SER B 36 -5.10 31.65 0.44
C SER B 36 -5.30 30.54 -0.59
N ARG B 37 -4.66 29.37 -0.41
CA ARG B 37 -4.82 28.23 -1.30
C ARG B 37 -4.75 26.98 -0.46
N LEU B 38 -5.27 25.88 -1.01
CA LEU B 38 -5.16 24.54 -0.42
C LEU B 38 -3.91 23.84 -0.97
N GLY B 39 -3.58 22.69 -0.37
CA GLY B 39 -2.49 21.83 -0.83
C GLY B 39 -1.27 21.82 0.07
N GLY B 40 -1.03 22.89 0.83
CA GLY B 40 0.07 22.86 1.78
C GLY B 40 1.42 22.76 1.06
N ARG B 41 2.19 21.73 1.42
CA ARG B 41 3.48 21.49 0.80
C ARG B 41 3.35 20.78 -0.53
N THR B 42 2.13 20.68 -1.05
CA THR B 42 1.94 20.45 -2.49
C THR B 42 1.29 21.69 -3.07
N PHE B 43 1.64 21.98 -4.32
CA PHE B 43 1.17 23.18 -5.01
C PHE B 43 1.20 22.87 -6.50
N THR B 44 0.01 22.67 -7.08
CA THR B 44 -0.15 22.51 -8.52
C THR B 44 -0.23 23.87 -9.18
N SER B 45 0.58 24.09 -10.21
CA SER B 45 0.63 25.39 -10.85
C SER B 45 0.88 25.14 -12.35
N ARG B 46 1.21 26.20 -13.06
CA ARG B 46 1.34 26.13 -14.51
C ARG B 46 2.59 26.89 -14.92
N PHE B 47 3.28 26.39 -15.95
CA PHE B 47 4.57 26.95 -16.35
C PHE B 47 4.93 26.48 -17.76
N ALA B 48 5.26 27.41 -18.65
CA ALA B 48 5.67 27.05 -20.02
C ALA B 48 4.67 26.08 -20.67
N GLY B 49 3.38 26.33 -20.46
CA GLY B 49 2.34 25.52 -21.07
C GLY B 49 2.07 24.18 -20.42
N GLN B 50 2.69 23.87 -19.28
CA GLN B 50 2.53 22.59 -18.62
C GLN B 50 2.01 22.77 -17.21
N GLU B 51 1.28 21.77 -16.72
CA GLU B 51 0.98 21.71 -15.30
C GLU B 51 2.20 21.20 -14.55
N ILE B 52 2.58 21.89 -13.47
CA ILE B 52 3.76 21.53 -12.69
C ILE B 52 3.39 21.37 -11.22
N GLU B 53 4.27 20.69 -10.49
CA GLU B 53 4.07 20.46 -9.06
C GLU B 53 5.26 21.08 -8.33
N LEU B 54 5.03 22.20 -7.66
CA LEU B 54 6.13 22.95 -7.06
C LEU B 54 6.51 22.39 -5.69
N GLY B 55 5.72 21.46 -5.15
CA GLY B 55 6.07 20.76 -3.92
C GLY B 55 6.01 19.26 -4.13
N GLY B 56 5.35 18.55 -3.21
CA GLY B 56 5.25 17.11 -3.37
C GLY B 56 4.62 16.76 -4.71
N THR B 57 5.23 15.78 -5.38
CA THR B 57 4.96 15.46 -6.77
C THR B 57 4.68 13.97 -7.04
N TRP B 58 5.59 13.09 -6.65
CA TRP B 58 5.57 11.70 -7.13
C TRP B 58 5.05 10.75 -6.05
N VAL B 59 4.32 9.71 -6.49
CA VAL B 59 3.65 8.75 -5.62
C VAL B 59 3.89 7.36 -6.21
N HIS B 60 3.36 6.32 -5.52
CA HIS B 60 3.60 4.94 -5.94
C HIS B 60 2.59 4.01 -5.29
N TRP B 61 2.32 2.89 -5.96
CA TRP B 61 1.37 1.92 -5.44
C TRP B 61 1.91 1.14 -4.25
N LEU B 62 3.23 1.17 -4.00
CA LEU B 62 3.73 0.61 -2.75
C LEU B 62 3.49 1.56 -1.57
N GLN B 63 2.95 2.76 -1.83
CA GLN B 63 2.59 3.68 -0.77
C GLN B 63 1.11 3.47 -0.46
N PRO B 64 0.77 2.78 0.62
CA PRO B 64 -0.58 2.21 0.70
C PRO B 64 -1.69 3.25 0.89
N HIS B 65 -1.45 4.34 1.62
CA HIS B 65 -2.54 5.24 1.94
C HIS B 65 -2.92 6.11 0.76
N VAL B 66 -1.93 6.74 0.12
CA VAL B 66 -2.25 7.56 -1.06
C VAL B 66 -2.77 6.65 -2.20
N TRP B 67 -2.19 5.46 -2.34
CA TRP B 67 -2.70 4.57 -3.39
C TRP B 67 -4.16 4.21 -3.14
N ALA B 68 -4.54 3.88 -1.89
CA ALA B 68 -5.94 3.55 -1.66
C ALA B 68 -6.83 4.74 -2.00
N GLU B 69 -6.35 5.97 -1.73
CA GLU B 69 -7.15 7.14 -2.12
C GLU B 69 -7.30 7.23 -3.64
N MET B 70 -6.21 6.97 -4.38
CA MET B 70 -6.30 7.07 -5.83
C MET B 70 -7.24 6.00 -6.38
N GLN B 71 -7.26 4.82 -5.73
CA GLN B 71 -8.25 3.81 -6.08
C GLN B 71 -9.67 4.33 -5.83
N ARG B 72 -9.92 4.85 -4.63
CA ARG B 72 -11.23 5.36 -4.28
C ARG B 72 -11.72 6.42 -5.28
N TYR B 73 -10.83 7.35 -5.66
CA TYR B 73 -11.27 8.46 -6.51
C TYR B 73 -10.98 8.24 -7.99
N GLY B 74 -10.44 7.09 -8.38
CA GLY B 74 -10.26 6.82 -9.81
C GLY B 74 -9.12 7.60 -10.46
N LEU B 75 -8.02 7.83 -9.72
CA LEU B 75 -6.91 8.59 -10.27
C LEU B 75 -5.83 7.62 -10.73
N GLY B 76 -5.45 7.68 -12.01
CA GLY B 76 -4.34 6.92 -12.53
C GLY B 76 -2.99 7.57 -12.20
N VAL B 77 -1.93 6.97 -12.75
CA VAL B 77 -0.59 7.54 -12.65
C VAL B 77 -0.25 8.17 -13.98
N VAL B 78 0.66 9.14 -13.92
CA VAL B 78 1.20 9.83 -15.09
C VAL B 78 2.72 9.65 -15.00
N GLU B 79 3.30 9.00 -16.02
CA GLU B 79 4.71 8.60 -15.93
C GLU B 79 5.62 9.73 -16.41
N ASP B 80 6.58 10.16 -15.53
CA ASP B 80 7.64 11.05 -16.00
C ASP B 80 8.77 10.24 -16.61
N PRO B 81 9.56 10.87 -17.50
CA PRO B 81 10.58 10.08 -18.29
C PRO B 81 11.83 9.73 -17.49
N LEU B 82 11.70 8.72 -16.60
CA LEU B 82 12.82 8.26 -15.78
C LEU B 82 13.54 7.03 -16.35
N THR B 83 12.93 6.32 -17.31
CA THR B 83 13.56 5.16 -17.92
C THR B 83 14.20 5.54 -19.24
N ASN B 84 15.08 4.65 -19.72
CA ASN B 84 15.75 4.85 -21.02
C ASN B 84 16.35 6.25 -21.13
N LEU B 85 17.19 6.60 -20.14
CA LEU B 85 17.74 7.94 -20.03
C LEU B 85 18.76 8.21 -21.12
N ASP B 86 18.79 9.47 -21.57
CA ASP B 86 19.80 9.94 -22.52
C ASP B 86 21.09 10.42 -21.83
N LYS B 87 20.99 11.07 -20.67
CA LYS B 87 22.16 11.62 -19.99
C LYS B 87 21.98 11.45 -18.50
N THR B 88 23.03 10.93 -17.83
CA THR B 88 23.03 10.87 -16.37
C THR B 88 24.32 11.55 -15.94
N LEU B 89 24.18 12.64 -15.17
CA LEU B 89 25.31 13.46 -14.75
C LEU B 89 25.48 13.41 -13.24
N ILE B 90 26.75 13.50 -12.80
CA ILE B 90 27.08 13.78 -11.41
C ILE B 90 27.89 15.08 -11.37
N MET B 91 27.50 15.98 -10.51
CA MET B 91 28.24 17.20 -10.24
C MET B 91 28.85 17.06 -8.86
N TYR B 92 30.18 17.00 -8.80
CA TYR B 92 30.87 16.81 -7.54
C TYR B 92 30.88 18.10 -6.72
N ASN B 93 31.24 17.96 -5.43
CA ASN B 93 31.37 19.14 -4.60
C ASN B 93 32.33 20.16 -5.22
N ASP B 94 33.37 19.71 -5.91
CA ASP B 94 34.36 20.61 -6.52
C ASP B 94 33.88 21.29 -7.80
N GLY B 95 32.63 21.06 -8.24
CA GLY B 95 32.05 21.79 -9.35
C GLY B 95 32.22 21.13 -10.68
N ILE B 96 32.94 20.00 -10.74
CA ILE B 96 33.08 19.22 -11.97
C ILE B 96 31.76 18.52 -12.26
N VAL B 97 31.30 18.62 -13.50
CA VAL B 97 30.15 17.88 -13.99
C VAL B 97 30.66 16.76 -14.90
N GLU B 98 30.30 15.53 -14.58
CA GLU B 98 30.77 14.37 -15.33
C GLU B 98 29.57 13.59 -15.85
N SER B 99 29.60 13.28 -17.15
CA SER B 99 28.57 12.48 -17.77
C SER B 99 28.97 11.00 -17.65
N ILE B 100 28.07 10.20 -17.11
CA ILE B 100 28.30 8.78 -16.82
C ILE B 100 27.34 7.98 -17.71
N SER B 101 27.83 6.86 -18.25
CA SER B 101 26.95 5.94 -18.92
C SER B 101 25.75 5.63 -18.02
N PRO B 102 24.51 5.79 -18.51
CA PRO B 102 23.34 5.59 -17.62
C PRO B 102 23.32 4.24 -16.92
N ASP B 103 23.68 3.17 -17.63
CA ASP B 103 23.76 1.85 -17.00
C ASP B 103 24.70 1.86 -15.81
N GLU B 104 25.92 2.36 -16.01
CA GLU B 104 26.91 2.40 -14.92
C GLU B 104 26.48 3.34 -13.80
N PHE B 105 25.88 4.48 -14.16
CA PHE B 105 25.32 5.39 -13.16
C PHE B 105 24.35 4.66 -12.24
N GLY B 106 23.36 3.98 -12.84
CA GLY B 106 22.36 3.26 -12.04
C GLY B 106 22.95 2.13 -11.22
N LYS B 107 23.91 1.38 -11.80
CA LYS B 107 24.56 0.32 -11.03
C LYS B 107 25.27 0.87 -9.80
N ASN B 108 25.93 2.02 -9.95
CA ASN B 108 26.72 2.57 -8.84
C ASN B 108 25.85 3.17 -7.75
N ILE B 109 24.76 3.84 -8.13
CA ILE B 109 23.90 4.31 -7.05
C ILE B 109 23.21 3.13 -6.37
N ARG B 110 22.86 2.08 -7.11
CA ARG B 110 22.26 0.92 -6.48
C ARG B 110 23.24 0.28 -5.48
N ILE B 111 24.49 0.13 -5.88
CA ILE B 111 25.49 -0.44 -4.98
C ILE B 111 25.62 0.42 -3.72
N ALA B 112 25.72 1.74 -3.89
CA ALA B 112 25.87 2.61 -2.75
C ALA B 112 24.67 2.49 -1.80
N PHE B 113 23.47 2.42 -2.35
CA PHE B 113 22.27 2.44 -1.53
C PHE B 113 22.08 1.11 -0.82
N GLU B 114 22.35 0.01 -1.51
CA GLU B 114 22.25 -1.31 -0.89
C GLU B 114 23.28 -1.49 0.20
N LYS B 115 24.47 -0.92 0.04
CA LYS B 115 25.43 -0.91 1.14
C LYS B 115 24.95 -0.04 2.30
N LEU B 116 24.49 1.18 2.00
CA LEU B 116 24.02 2.07 3.06
C LEU B 116 22.88 1.43 3.86
N CYS B 117 22.03 0.63 3.22
CA CYS B 117 20.84 0.10 3.88
C CYS B 117 20.94 -1.41 4.07
N HIS B 118 22.17 -1.93 4.29
CA HIS B 118 22.40 -3.35 4.23
C HIS B 118 21.65 -4.11 5.31
N ASP B 119 21.43 -3.49 6.47
CA ASP B 119 20.77 -4.12 7.61
C ASP B 119 19.30 -3.69 7.74
N ALA B 120 18.68 -3.18 6.66
CA ALA B 120 17.30 -2.69 6.76
C ALA B 120 16.34 -3.78 7.19
N TRP B 121 16.52 -5.01 6.68
CA TRP B 121 15.65 -6.13 7.05
C TRP B 121 15.70 -6.43 8.53
N GLU B 122 16.90 -6.44 9.12
CA GLU B 122 17.03 -6.77 10.52
C GLU B 122 16.68 -5.58 11.42
N VAL B 123 16.90 -4.36 10.96
CA VAL B 123 16.60 -3.25 11.84
C VAL B 123 15.13 -2.82 11.74
N PHE B 124 14.54 -2.97 10.55
CA PHE B 124 13.17 -2.53 10.30
C PHE B 124 12.36 -3.65 9.68
N PRO B 125 12.18 -4.75 10.39
CA PRO B 125 11.28 -5.79 9.89
C PRO B 125 9.83 -5.29 9.82
N ARG B 126 9.50 -4.24 10.57
CA ARG B 126 8.14 -3.70 10.65
C ARG B 126 8.26 -2.20 10.53
N PRO B 127 8.44 -1.67 9.31
CA PRO B 127 8.76 -0.23 9.19
C PRO B 127 7.66 0.69 9.65
N HIS B 128 6.42 0.20 9.81
CA HIS B 128 5.37 1.04 10.39
C HIS B 128 5.38 1.02 11.92
N GLU B 129 6.35 0.33 12.51
CA GLU B 129 6.62 0.40 13.95
C GLU B 129 8.09 0.74 14.08
N PRO B 130 8.44 2.02 13.94
CA PRO B 130 9.87 2.35 13.70
C PRO B 130 10.79 1.92 14.84
N MET B 131 10.31 1.91 16.08
CA MET B 131 11.14 1.51 17.23
C MET B 131 10.88 0.06 17.66
N PHE B 132 10.38 -0.79 16.76
CA PHE B 132 10.13 -2.18 17.10
C PHE B 132 11.39 -2.87 17.62
N THR B 133 12.55 -2.62 16.98
CA THR B 133 13.79 -3.32 17.38
C THR B 133 14.66 -2.43 18.26
N GLU B 134 15.44 -3.08 19.11
CA GLU B 134 16.41 -2.32 19.89
C GLU B 134 17.50 -1.76 18.98
N ARG B 135 17.83 -2.47 17.90
CA ARG B 135 18.87 -1.99 17.00
C ARG B 135 18.50 -0.65 16.37
N ALA B 136 17.22 -0.41 16.10
CA ALA B 136 16.79 0.88 15.54
C ALA B 136 17.04 2.01 16.53
N ARG B 137 16.75 1.76 17.81
CA ARG B 137 17.00 2.75 18.85
C ARG B 137 18.49 3.00 18.98
N GLU B 138 19.30 1.93 18.93
CA GLU B 138 20.76 2.10 19.04
C GLU B 138 21.28 2.93 17.87
N LEU B 139 20.78 2.67 16.66
CA LEU B 139 21.26 3.39 15.48
C LEU B 139 20.78 4.84 15.48
N ASP B 140 19.75 5.16 16.27
CA ASP B 140 19.36 6.58 16.29
C ASP B 140 20.40 7.48 17.00
N LYS B 141 21.55 6.95 17.39
CA LYS B 141 22.65 7.78 17.85
C LYS B 141 23.55 8.20 16.72
N SER B 142 23.35 7.64 15.52
CA SER B 142 24.24 7.89 14.39
C SER B 142 23.53 8.73 13.33
N SER B 143 24.35 9.47 12.58
CA SER B 143 23.92 10.19 11.39
C SER B 143 24.18 9.33 10.15
N VAL B 144 23.57 9.72 9.04
CA VAL B 144 23.83 9.04 7.78
C VAL B 144 25.31 9.19 7.38
N LEU B 145 25.91 10.35 7.61
CA LEU B 145 27.34 10.47 7.27
C LEU B 145 28.19 9.48 8.06
N ASP B 146 27.89 9.30 9.36
CA ASP B 146 28.60 8.28 10.13
C ASP B 146 28.61 6.94 9.41
N ARG B 147 27.46 6.54 8.85
CA ARG B 147 27.47 5.24 8.19
C ARG B 147 28.18 5.32 6.84
N ILE B 148 28.02 6.41 6.08
CA ILE B 148 28.68 6.51 4.78
C ILE B 148 30.19 6.39 4.94
N LYS B 149 30.72 6.94 6.02
CA LYS B 149 32.17 6.88 6.24
C LYS B 149 32.69 5.45 6.25
N THR B 150 31.89 4.49 6.69
CA THR B 150 32.34 3.13 6.92
C THR B 150 32.11 2.19 5.74
N LEU B 151 31.48 2.66 4.66
CA LEU B 151 31.16 1.80 3.52
C LEU B 151 32.33 1.68 2.55
N GLY B 152 33.33 2.53 2.64
CA GLY B 152 34.37 2.61 1.64
C GLY B 152 33.88 2.60 0.21
N LEU B 153 32.95 3.50 -0.13
CA LEU B 153 32.45 3.62 -1.50
C LEU B 153 33.50 4.23 -2.44
N SER B 154 33.35 3.93 -3.73
CA SER B 154 34.11 4.66 -4.74
C SER B 154 33.75 6.14 -4.71
N ARG B 155 34.54 6.96 -5.42
CA ARG B 155 34.30 8.40 -5.44
C ARG B 155 32.97 8.75 -6.13
N LEU B 156 32.65 8.04 -7.22
CA LEU B 156 31.36 8.24 -7.85
C LEU B 156 30.23 7.85 -6.91
N GLN B 157 30.35 6.68 -6.27
CA GLN B 157 29.30 6.18 -5.40
C GLN B 157 29.13 7.08 -4.18
N GLN B 158 30.23 7.51 -3.57
CA GLN B 158 30.13 8.47 -2.47
C GLN B 158 29.41 9.74 -2.91
N ALA B 159 29.78 10.30 -4.06
CA ALA B 159 29.13 11.53 -4.49
C ALA B 159 27.65 11.31 -4.77
N GLN B 160 27.29 10.15 -5.36
CA GLN B 160 25.89 9.91 -5.67
C GLN B 160 25.07 9.79 -4.39
N ILE B 161 25.54 8.93 -3.46
CA ILE B 161 24.75 8.68 -2.27
C ILE B 161 24.73 9.91 -1.37
N ASN B 162 25.82 10.68 -1.34
CA ASN B 162 25.74 11.86 -0.49
C ASN B 162 24.83 12.93 -1.11
N SER B 163 24.75 13.02 -2.43
CA SER B 163 23.75 13.89 -3.04
C SER B 163 22.35 13.46 -2.68
N TYR B 164 22.05 12.18 -2.91
CA TYR B 164 20.72 11.63 -2.58
C TYR B 164 20.37 11.91 -1.12
N MET B 165 21.33 11.65 -0.20
CA MET B 165 21.06 11.81 1.23
C MET B 165 20.95 13.29 1.64
N ALA B 166 21.73 14.19 1.02
CA ALA B 166 21.57 15.61 1.32
C ALA B 166 20.20 16.10 0.86
N LEU B 167 19.74 15.61 -0.30
CA LEU B 167 18.38 15.94 -0.73
C LEU B 167 17.37 15.46 0.29
N TYR B 168 17.48 14.19 0.71
CA TYR B 168 16.46 13.72 1.66
C TYR B 168 16.56 14.43 3.00
N ALA B 169 17.74 14.88 3.40
CA ALA B 169 17.86 15.66 4.64
C ALA B 169 17.45 17.11 4.46
N GLY B 170 17.51 17.62 3.24
CA GLY B 170 17.45 19.08 3.05
C GLY B 170 18.48 19.80 3.87
N GLU B 171 19.67 19.22 4.00
CA GLU B 171 20.70 19.66 4.91
C GLU B 171 21.94 18.84 4.58
N THR B 172 23.07 19.19 5.21
CA THR B 172 24.25 18.37 5.03
C THR B 172 24.10 17.07 5.81
N THR B 173 24.73 16.00 5.30
CA THR B 173 24.37 14.65 5.77
C THR B 173 24.94 14.33 7.13
N ASP B 174 25.86 15.16 7.65
CA ASP B 174 26.32 14.99 9.03
C ASP B 174 25.23 15.33 10.03
N LYS B 175 24.17 16.02 9.62
CA LYS B 175 23.06 16.30 10.53
C LYS B 175 21.90 15.32 10.38
N PHE B 176 21.94 14.47 9.36
CA PHE B 176 20.79 13.65 8.96
C PHE B 176 20.77 12.35 9.76
N GLY B 177 19.65 12.09 10.44
CA GLY B 177 19.51 10.85 11.20
C GLY B 177 19.47 9.65 10.29
N LEU B 178 20.11 8.55 10.73
CA LEU B 178 20.25 7.35 9.89
C LEU B 178 19.04 6.43 9.88
N PRO B 179 18.44 6.12 11.05
CA PRO B 179 17.30 5.18 11.06
C PRO B 179 16.14 5.61 10.17
N GLY B 180 15.83 6.93 10.09
CA GLY B 180 14.75 7.37 9.20
C GLY B 180 14.95 6.93 7.77
N VAL B 181 16.20 6.95 7.29
CA VAL B 181 16.51 6.52 5.91
C VAL B 181 16.34 5.03 5.77
N LEU B 182 16.89 4.26 6.72
CA LEU B 182 16.71 2.82 6.65
C LEU B 182 15.23 2.46 6.66
N LYS B 183 14.44 3.21 7.43
CA LYS B 183 13.03 2.90 7.52
C LYS B 183 12.33 3.14 6.20
N LEU B 184 12.64 4.28 5.56
CA LEU B 184 12.04 4.54 4.24
C LEU B 184 12.41 3.44 3.25
N PHE B 185 13.68 3.02 3.23
CA PHE B 185 14.11 1.91 2.38
C PHE B 185 13.30 0.64 2.64
N ALA B 186 13.04 0.34 3.92
CA ALA B 186 12.22 -0.83 4.24
C ALA B 186 10.78 -0.66 3.74
N CYS B 187 10.19 0.52 3.90
CA CYS B 187 8.86 0.79 3.34
C CYS B 187 8.81 0.45 1.84
N GLY B 188 9.90 0.71 1.12
CA GLY B 188 9.96 0.41 -0.30
C GLY B 188 10.38 -1.00 -0.61
N GLY B 189 9.91 -1.97 0.18
CA GLY B 189 10.14 -3.36 -0.14
C GLY B 189 11.54 -3.86 0.14
N TRP B 190 12.31 -3.14 0.95
CA TRP B 190 13.67 -3.54 1.32
C TRP B 190 14.60 -3.74 0.12
N ASN B 191 14.39 -2.99 -0.97
N ASN B 191 14.38 -3.01 -0.98
CA ASN B 191 15.12 -3.18 -2.21
CA ASN B 191 15.31 -3.17 -2.09
C ASN B 191 15.38 -1.82 -2.87
C ASN B 191 15.39 -1.87 -2.88
N TYR B 192 16.58 -1.63 -3.42
CA TYR B 192 16.85 -0.32 -4.02
C TYR B 192 15.96 -0.06 -5.22
N ASP B 193 15.80 -1.03 -6.11
CA ASP B 193 15.02 -0.82 -7.31
C ASP B 193 13.59 -0.38 -6.98
N ALA B 194 12.92 -1.15 -6.11
CA ALA B 194 11.56 -0.79 -5.70
C ALA B 194 11.54 0.59 -5.06
N PHE B 195 12.46 0.83 -4.12
CA PHE B 195 12.44 2.08 -3.38
C PHE B 195 12.58 3.27 -4.32
N MET B 196 13.60 3.22 -5.18
CA MET B 196 13.85 4.30 -6.14
C MET B 196 12.64 4.53 -7.04
N ASP B 197 11.97 3.44 -7.47
CA ASP B 197 10.78 3.60 -8.27
C ASP B 197 9.69 4.40 -7.55
N THR B 198 9.60 4.29 -6.21
CA THR B 198 8.59 5.08 -5.50
C THR B 198 8.86 6.60 -5.49
N GLU B 199 10.07 7.05 -5.82
CA GLU B 199 10.41 8.41 -5.37
C GLU B 199 10.21 9.49 -6.42
N THR B 200 10.48 9.25 -7.72
CA THR B 200 10.30 10.34 -8.67
C THR B 200 9.90 9.81 -10.05
N HIS B 201 9.03 8.79 -10.08
CA HIS B 201 8.64 8.20 -11.36
C HIS B 201 7.21 8.51 -11.78
N TYR B 202 6.21 8.39 -10.88
CA TYR B 202 4.80 8.53 -11.23
C TYR B 202 4.16 9.71 -10.52
N ARG B 203 3.38 10.51 -11.26
CA ARG B 203 2.61 11.61 -10.70
C ARG B 203 1.14 11.20 -10.64
N ILE B 204 0.36 12.01 -9.91
CA ILE B 204 -1.07 11.77 -9.75
C ILE B 204 -1.82 12.32 -10.95
N GLN B 205 -2.61 11.48 -11.61
CA GLN B 205 -3.45 11.95 -12.70
C GLN B 205 -4.40 13.06 -12.21
N GLY B 206 -4.38 14.20 -12.88
CA GLY B 206 -5.13 15.35 -12.38
C GLY B 206 -4.46 16.15 -11.27
N GLY B 207 -3.28 15.76 -10.81
CA GLY B 207 -2.53 16.59 -9.89
C GLY B 207 -2.90 16.40 -8.42
N THR B 208 -1.95 16.83 -7.57
CA THR B 208 -2.19 16.79 -6.13
C THR B 208 -3.43 17.61 -5.77
N ILE B 209 -3.64 18.74 -6.47
CA ILE B 209 -4.76 19.57 -6.06
C ILE B 209 -6.06 18.88 -6.43
N GLY B 210 -6.06 18.06 -7.48
CA GLY B 210 -7.24 17.28 -7.80
C GLY B 210 -7.57 16.30 -6.69
N LEU B 211 -6.57 15.64 -6.11
CA LEU B 211 -6.92 14.71 -5.02
C LEU B 211 -7.37 15.48 -3.76
N ILE B 212 -6.66 16.55 -3.39
CA ILE B 212 -7.12 17.41 -2.28
C ILE B 212 -8.58 17.80 -2.48
N ASN B 213 -8.91 18.34 -3.65
CA ASN B 213 -10.28 18.81 -3.89
C ASN B 213 -11.27 17.66 -3.82
N ALA B 214 -10.91 16.50 -4.35
CA ALA B 214 -11.83 15.35 -4.26
C ALA B 214 -12.15 15.03 -2.80
N MET B 215 -11.13 14.90 -1.95
CA MET B 215 -11.37 14.58 -0.54
C MET B 215 -12.21 15.65 0.14
N LEU B 216 -11.92 16.94 -0.13
CA LEU B 216 -12.64 17.99 0.55
C LEU B 216 -14.08 18.07 0.06
N THR B 217 -14.31 17.91 -1.24
CA THR B 217 -15.69 17.87 -1.72
C THR B 217 -16.43 16.74 -1.06
N ASP B 218 -15.87 15.53 -1.15
CA ASP B 218 -16.42 14.38 -0.44
C ASP B 218 -16.79 14.72 1.00
N SER B 219 -15.93 15.50 1.68
CA SER B 219 -16.02 15.65 3.14
C SER B 219 -17.26 16.44 3.58
N GLY B 220 -17.79 17.30 2.73
CA GLY B 220 -18.83 18.20 3.16
C GLY B 220 -18.39 19.26 4.17
N ALA B 221 -17.12 19.31 4.55
CA ALA B 221 -16.70 20.25 5.58
C ALA B 221 -16.81 21.68 5.07
N GLU B 222 -16.95 22.61 6.02
CA GLU B 222 -16.81 24.02 5.73
C GLU B 222 -15.32 24.35 5.67
N VAL B 223 -14.89 25.02 4.60
CA VAL B 223 -13.48 25.34 4.40
C VAL B 223 -13.29 26.85 4.36
N ARG B 224 -12.39 27.37 5.20
CA ARG B 224 -12.04 28.78 5.21
C ARG B 224 -10.54 28.92 4.93
N MET B 225 -10.20 29.80 4.02
CA MET B 225 -8.82 30.05 3.63
C MET B 225 -8.36 31.43 4.14
N SER B 226 -7.05 31.65 4.14
CA SER B 226 -6.47 32.88 4.66
C SER B 226 -6.86 33.13 6.11
N VAL B 227 -6.95 32.05 6.90
CA VAL B 227 -7.35 32.18 8.29
C VAL B 227 -6.35 31.45 9.17
N PRO B 228 -5.26 32.10 9.58
CA PRO B 228 -4.29 31.42 10.44
C PRO B 228 -4.80 31.28 11.87
N VAL B 229 -4.59 30.11 12.44
CA VAL B 229 -4.84 29.90 13.86
C VAL B 229 -3.61 30.34 14.62
N THR B 230 -3.79 31.11 15.70
CA THR B 230 -2.66 31.60 16.50
C THR B 230 -2.74 31.16 17.94
N ALA B 231 -3.87 30.64 18.40
CA ALA B 231 -3.93 30.14 19.78
C ALA B 231 -5.00 29.06 19.87
N VAL B 232 -4.78 28.12 20.77
CA VAL B 232 -5.74 27.06 21.06
C VAL B 232 -5.80 26.89 22.55
N GLU B 233 -7.01 26.90 23.12
CA GLU B 233 -7.17 26.73 24.56
C GLU B 233 -8.21 25.66 24.84
N GLN B 234 -7.84 24.70 25.69
CA GLN B 234 -8.76 23.65 26.14
C GLN B 234 -9.53 24.14 27.36
N VAL B 235 -10.84 24.27 27.23
CA VAL B 235 -11.65 24.83 28.30
C VAL B 235 -13.06 24.33 28.09
N ASN B 236 -13.80 24.14 29.19
CA ASN B 236 -15.20 23.74 29.13
C ASN B 236 -15.36 22.38 28.46
N GLY B 237 -14.36 21.51 28.57
CA GLY B 237 -14.51 20.19 28.00
C GLY B 237 -14.41 20.16 26.48
N GLY B 238 -13.97 21.22 25.87
CA GLY B 238 -13.67 21.25 24.43
C GLY B 238 -12.51 22.19 24.21
N VAL B 239 -12.52 22.94 23.09
CA VAL B 239 -11.39 23.80 22.76
C VAL B 239 -11.91 25.11 22.20
N LYS B 240 -11.21 26.20 22.52
CA LYS B 240 -11.39 27.50 21.91
C LYS B 240 -10.22 27.72 20.97
N ILE B 241 -10.53 28.06 19.71
CA ILE B 241 -9.52 28.32 18.70
C ILE B 241 -9.58 29.81 18.38
N LYS B 242 -8.43 30.46 18.49
CA LYS B 242 -8.34 31.88 18.17
C LYS B 242 -7.55 32.07 16.89
N THR B 243 -8.03 32.93 16.00
CA THR B 243 -7.35 33.28 14.76
C THR B 243 -6.62 34.60 14.93
N ASP B 244 -5.87 34.99 13.91
CA ASP B 244 -4.97 36.14 14.03
C ASP B 244 -5.74 37.42 14.27
N ASP B 245 -6.99 37.50 13.83
CA ASP B 245 -7.80 38.69 14.07
C ASP B 245 -8.63 38.59 15.33
N ASP B 246 -8.35 37.61 16.20
CA ASP B 246 -8.89 37.42 17.53
C ASP B 246 -10.31 36.83 17.54
N GLU B 247 -10.87 36.45 16.40
CA GLU B 247 -12.11 35.68 16.42
C GLU B 247 -11.90 34.33 17.10
N ILE B 248 -12.98 33.79 17.68
CA ILE B 248 -12.94 32.59 18.48
C ILE B 248 -13.97 31.60 17.92
N ILE B 249 -13.50 30.38 17.62
CA ILE B 249 -14.35 29.27 17.20
C ILE B 249 -14.23 28.19 18.26
N THR B 250 -15.36 27.60 18.68
CA THR B 250 -15.28 26.55 19.67
C THR B 250 -15.51 25.20 19.01
N ALA B 251 -14.99 24.15 19.63
CA ALA B 251 -15.15 22.82 19.05
C ALA B 251 -14.94 21.75 20.11
N GLY B 252 -15.52 20.57 19.85
CA GLY B 252 -15.28 19.45 20.77
C GLY B 252 -13.86 18.90 20.65
N VAL B 253 -13.26 19.00 19.46
CA VAL B 253 -11.95 18.40 19.20
C VAL B 253 -11.27 19.22 18.11
N VAL B 254 -9.93 19.33 18.19
CA VAL B 254 -9.16 20.01 17.16
C VAL B 254 -8.10 19.03 16.66
N VAL B 255 -7.93 19.00 15.35
CA VAL B 255 -6.89 18.22 14.69
C VAL B 255 -5.85 19.21 14.16
N MET B 256 -4.64 19.21 14.74
CA MET B 256 -3.55 20.03 14.23
C MET B 256 -2.79 19.29 13.13
N THR B 257 -2.64 19.93 11.96
CA THR B 257 -1.86 19.30 10.89
C THR B 257 -0.78 20.23 10.35
N VAL B 258 -0.53 21.37 11.01
CA VAL B 258 0.43 22.35 10.49
C VAL B 258 1.83 21.74 10.56
N PRO B 259 2.77 22.22 9.76
CA PRO B 259 4.13 21.64 9.81
C PRO B 259 4.79 21.91 11.14
N LEU B 260 5.54 20.93 11.60
CA LEU B 260 6.26 21.05 12.85
C LEU B 260 6.98 22.40 12.96
N ASN B 261 7.70 22.78 11.91
CA ASN B 261 8.51 24.01 11.95
C ASN B 261 7.67 25.29 12.03
N THR B 262 6.34 25.19 11.94
CA THR B 262 5.52 26.40 12.07
C THR B 262 4.82 26.50 13.42
N TYR B 263 5.04 25.55 14.33
CA TYR B 263 4.32 25.60 15.62
C TYR B 263 4.63 26.85 16.43
N LYS B 264 5.73 27.54 16.15
CA LYS B 264 6.00 28.77 16.90
C LYS B 264 4.92 29.83 16.70
N HIS B 265 4.08 29.73 15.64
CA HIS B 265 3.02 30.74 15.46
C HIS B 265 1.82 30.57 16.43
N ILE B 266 1.76 29.49 17.20
CA ILE B 266 0.53 29.05 17.88
C ILE B 266 0.80 28.90 19.38
N ASP B 267 0.01 29.59 20.22
CA ASP B 267 0.08 29.47 21.66
C ASP B 267 -0.94 28.43 22.14
N PHE B 268 -0.48 27.48 22.96
CA PHE B 268 -1.34 26.44 23.48
C PHE B 268 -1.59 26.66 24.97
N THR B 269 -2.85 26.60 25.37
CA THR B 269 -3.24 26.64 26.78
C THR B 269 -4.07 25.41 27.11
N PRO B 270 -3.65 24.57 28.06
CA PRO B 270 -2.35 24.64 28.73
C PRO B 270 -1.25 24.31 27.77
N ALA B 271 -0.02 24.54 28.22
CA ALA B 271 1.16 24.21 27.44
C ALA B 271 1.14 22.76 27.00
N LEU B 272 1.74 22.48 25.85
CA LEU B 272 1.87 21.09 25.45
C LEU B 272 2.91 20.41 26.33
N SER B 273 2.97 19.09 26.21
CA SER B 273 3.87 18.28 27.00
C SER B 273 5.33 18.65 26.69
N LYS B 274 6.21 18.30 27.63
CA LYS B 274 7.63 18.61 27.47
C LYS B 274 8.22 17.94 26.24
N GLY B 275 7.83 16.69 25.97
CA GLY B 275 8.35 16.01 24.79
C GLY B 275 7.97 16.73 23.51
N LYS B 276 6.73 17.22 23.42
CA LYS B 276 6.32 17.98 22.25
C LYS B 276 7.05 19.31 22.16
N GLN B 277 7.18 20.02 23.28
CA GLN B 277 7.92 21.29 23.26
C GLN B 277 9.35 21.09 22.79
N ARG B 278 9.99 19.99 23.21
CA ARG B 278 11.33 19.68 22.71
C ARG B 278 11.33 19.49 21.18
N PHE B 279 10.37 18.74 20.66
CA PHE B 279 10.29 18.60 19.20
C PHE B 279 10.07 19.94 18.50
N ILE B 280 9.27 20.81 19.11
CA ILE B 280 8.96 22.10 18.49
C ILE B 280 10.17 23.02 18.51
N LYS B 281 10.92 23.00 19.62
CA LYS B 281 12.17 23.76 19.67
C LYS B 281 13.20 23.22 18.66
N GLU B 282 13.27 21.90 18.49
CA GLU B 282 14.22 21.36 17.51
C GLU B 282 13.72 21.56 16.08
N GLY B 283 12.44 21.33 15.81
CA GLY B 283 11.97 21.31 14.44
C GLY B 283 12.57 20.14 13.66
N GLN B 284 12.19 20.09 12.39
CA GLN B 284 12.72 19.10 11.48
C GLN B 284 13.73 19.77 10.54
N LEU B 285 14.56 18.95 9.90
CA LEU B 285 15.84 19.45 9.34
C LEU B 285 15.69 20.26 8.04
N SER B 286 14.75 19.90 7.16
CA SER B 286 14.92 20.25 5.74
C SER B 286 14.81 21.74 5.47
N LYS B 287 15.70 22.25 4.61
CA LYS B 287 15.71 23.63 4.18
C LYS B 287 15.64 23.75 2.65
N GLY B 288 14.92 22.82 2.03
CA GLY B 288 14.94 22.73 0.58
C GLY B 288 14.03 23.74 -0.13
N ALA B 289 14.14 23.74 -1.46
CA ALA B 289 13.30 24.55 -2.33
C ALA B 289 13.13 23.77 -3.63
N LYS B 290 12.24 24.25 -4.50
CA LYS B 290 12.06 23.57 -5.78
C LYS B 290 11.98 24.59 -6.92
N LEU B 291 12.44 24.16 -8.12
CA LEU B 291 12.51 25.06 -9.25
C LEU B 291 12.29 24.28 -10.54
N TYR B 292 11.52 24.86 -11.47
CA TYR B 292 11.47 24.38 -12.84
C TYR B 292 12.19 25.37 -13.75
N VAL B 293 12.85 24.86 -14.77
CA VAL B 293 13.60 25.71 -15.70
C VAL B 293 13.29 25.29 -17.13
N HIS B 294 12.93 26.27 -17.96
CA HIS B 294 12.63 26.06 -19.35
C HIS B 294 13.87 26.52 -20.13
N VAL B 295 14.50 25.57 -20.84
CA VAL B 295 15.62 25.86 -21.73
C VAL B 295 15.20 25.57 -23.17
N LYS B 296 15.85 26.27 -24.10
CA LYS B 296 15.50 26.17 -25.52
C LYS B 296 15.85 24.80 -26.11
N GLN B 297 17.05 24.28 -25.78
CA GLN B 297 17.54 23.04 -26.35
C GLN B 297 16.71 21.84 -25.87
N ASN B 298 16.69 20.79 -26.71
CA ASN B 298 16.09 19.50 -26.33
C ASN B 298 17.20 18.62 -25.76
N LEU B 299 17.26 18.57 -24.43
CA LEU B 299 18.22 17.73 -23.72
C LEU B 299 17.75 16.29 -23.57
N GLY B 300 16.53 15.98 -23.95
CA GLY B 300 16.09 14.62 -23.83
C GLY B 300 15.78 14.24 -22.39
N ARG B 301 15.92 12.95 -22.10
CA ARG B 301 15.61 12.41 -20.78
C ARG B 301 16.91 12.40 -19.96
N VAL B 302 16.99 13.33 -19.00
CA VAL B 302 18.21 13.52 -18.21
C VAL B 302 17.89 13.34 -16.74
N PHE B 303 18.93 12.91 -16.02
CA PHE B 303 18.94 12.82 -14.57
C PHE B 303 20.30 13.29 -14.10
N ALA B 304 20.32 14.13 -13.06
CA ALA B 304 21.60 14.58 -12.51
C ALA B 304 21.51 14.65 -11.00
N PHE B 305 22.57 14.18 -10.34
CA PHE B 305 22.84 14.46 -8.94
C PHE B 305 23.86 15.59 -8.85
N ALA B 306 23.72 16.44 -7.83
CA ALA B 306 24.78 17.35 -7.44
C ALA B 306 24.99 17.17 -5.94
N ASP B 307 26.25 17.04 -5.54
CA ASP B 307 26.60 16.82 -4.14
C ASP B 307 26.30 18.09 -3.31
N GLU B 308 26.42 17.95 -1.98
CA GLU B 308 25.76 18.87 -1.05
C GLU B 308 26.38 20.27 -1.04
N GLN B 309 27.60 20.45 -1.50
CA GLN B 309 28.12 21.82 -1.58
C GLN B 309 27.63 22.56 -2.80
N GLN B 310 26.88 21.92 -3.69
CA GLN B 310 26.34 22.54 -4.89
C GLN B 310 24.83 22.61 -4.85
N PRO B 311 24.21 23.46 -5.65
CA PRO B 311 22.79 23.81 -5.43
C PRO B 311 21.74 22.99 -6.19
N LEU B 312 22.05 22.42 -7.36
CA LEU B 312 21.02 21.74 -8.15
C LEU B 312 21.14 20.25 -7.91
N ASN B 313 20.68 19.85 -6.72
CA ASN B 313 21.03 18.55 -6.19
C ASN B 313 20.29 17.41 -6.85
N TRP B 314 19.05 17.64 -7.33
CA TRP B 314 18.29 16.56 -7.95
C TRP B 314 17.60 17.11 -9.19
N VAL B 315 18.05 16.71 -10.39
CA VAL B 315 17.54 17.23 -11.65
C VAL B 315 16.94 16.07 -12.45
N GLN B 316 15.73 16.29 -12.97
CA GLN B 316 15.06 15.34 -13.86
C GLN B 316 14.42 16.08 -15.01
N THR B 317 14.16 15.35 -16.09
CA THR B 317 13.33 15.92 -17.16
C THR B 317 11.85 15.82 -16.82
N ARG B 318 11.14 16.96 -16.84
CA ARG B 318 9.67 16.96 -16.75
C ARG B 318 9.01 16.92 -18.13
N ASP B 319 9.62 17.51 -19.16
CA ASP B 319 9.10 17.44 -20.52
C ASP B 319 10.20 17.82 -21.51
N TYR B 320 10.11 17.28 -22.73
CA TYR B 320 11.12 17.52 -23.75
C TYR B 320 10.54 17.32 -25.15
N SER B 321 11.02 18.11 -26.10
CA SER B 321 10.68 17.95 -27.49
C SER B 321 11.54 18.94 -28.27
N ASP B 322 11.68 18.66 -29.57
CA ASP B 322 12.38 19.61 -30.44
C ASP B 322 11.66 20.95 -30.47
N GLU B 323 10.32 20.92 -30.54
CA GLU B 323 9.55 22.16 -30.58
C GLU B 323 9.66 22.94 -29.26
N LEU B 324 9.37 22.29 -28.14
CA LEU B 324 9.26 23.00 -26.87
C LEU B 324 10.62 23.31 -26.24
N GLY B 325 11.65 22.50 -26.53
CA GLY B 325 12.87 22.56 -25.76
C GLY B 325 12.76 21.60 -24.59
N THR B 326 13.27 21.99 -23.42
CA THR B 326 13.23 21.13 -22.23
C THR B 326 12.70 21.90 -21.04
N ILE B 327 11.89 21.22 -20.23
CA ILE B 327 11.58 21.66 -18.87
C ILE B 327 12.29 20.72 -17.90
N LEU B 328 13.15 21.30 -17.07
CA LEU B 328 13.86 20.61 -15.99
C LEU B 328 13.14 20.81 -14.68
N SER B 329 12.93 19.73 -13.94
CA SER B 329 12.49 19.78 -12.56
C SER B 329 13.73 19.62 -11.68
N ILE B 330 13.92 20.53 -10.71
CA ILE B 330 15.14 20.65 -9.93
C ILE B 330 14.76 20.80 -8.49
N THR B 331 15.20 19.88 -7.65
CA THR B 331 14.99 19.99 -6.21
C THR B 331 16.31 20.34 -5.55
N ILE B 332 16.24 21.36 -4.70
CA ILE B 332 17.38 22.00 -4.04
C ILE B 332 17.36 21.58 -2.58
N ALA B 333 18.45 21.00 -2.13
CA ALA B 333 18.50 20.51 -0.74
C ALA B 333 18.53 21.67 0.25
N ARG B 334 19.34 22.71 0.01
CA ARG B 334 19.57 23.80 0.97
C ARG B 334 19.38 25.14 0.30
N LYS B 335 18.36 25.86 0.70
CA LYS B 335 18.08 27.14 0.07
C LYS B 335 19.24 28.12 0.22
N GLU B 336 20.12 27.92 1.21
CA GLU B 336 21.30 28.77 1.35
C GLU B 336 22.32 28.56 0.23
N THR B 337 22.20 27.53 -0.62
CA THR B 337 23.16 27.36 -1.71
C THR B 337 22.75 28.13 -2.96
N ILE B 338 21.53 28.62 -3.02
CA ILE B 338 21.06 29.29 -4.21
C ILE B 338 19.77 30.00 -3.85
N ASP B 339 19.60 31.22 -4.35
CA ASP B 339 18.37 31.97 -4.21
C ASP B 339 17.54 31.60 -5.44
N VAL B 340 16.58 30.69 -5.24
CA VAL B 340 15.81 30.19 -6.37
C VAL B 340 14.95 31.27 -6.99
N ASN B 341 14.75 32.39 -6.29
CA ASN B 341 14.00 33.53 -6.83
C ASN B 341 14.89 34.59 -7.46
N ASP B 342 16.17 34.28 -7.67
CA ASP B 342 17.12 35.18 -8.31
C ASP B 342 17.44 34.57 -9.66
N ARG B 343 16.83 35.09 -10.73
CA ARG B 343 16.91 34.42 -12.02
C ARG B 343 18.32 34.35 -12.56
N ASP B 344 19.16 35.34 -12.23
CA ASP B 344 20.52 35.35 -12.77
C ASP B 344 21.36 34.24 -12.13
N ALA B 345 21.31 34.13 -10.80
CA ALA B 345 21.95 33.01 -10.11
C ALA B 345 21.48 31.68 -10.69
N VAL B 346 20.17 31.56 -10.94
CA VAL B 346 19.64 30.29 -11.44
C VAL B 346 20.22 29.98 -12.81
N THR B 347 20.27 30.97 -13.70
CA THR B 347 20.81 30.69 -15.03
C THR B 347 22.29 30.33 -14.95
N ARG B 348 23.04 31.03 -14.09
CA ARG B 348 24.45 30.67 -13.91
C ARG B 348 24.59 29.21 -13.52
N GLU B 349 23.81 28.78 -12.52
CA GLU B 349 23.98 27.42 -12.01
C GLU B 349 23.51 26.37 -13.01
N VAL B 350 22.43 26.67 -13.74
CA VAL B 350 21.93 25.74 -14.74
C VAL B 350 22.98 25.54 -15.85
N GLN B 351 23.64 26.63 -16.22
CA GLN B 351 24.64 26.53 -17.27
C GLN B 351 25.90 25.84 -16.76
N LYS B 352 26.26 26.09 -15.48
CA LYS B 352 27.32 25.30 -14.86
C LYS B 352 27.05 23.83 -15.09
N MET B 353 25.80 23.39 -14.84
N MET B 353 25.80 23.39 -14.84
CA MET B 353 25.50 21.97 -15.02
CA MET B 353 25.50 21.97 -15.02
C MET B 353 25.34 21.57 -16.49
C MET B 353 25.34 21.57 -16.49
N PHE B 354 24.77 22.46 -17.32
CA PHE B 354 24.53 22.17 -18.75
C PHE B 354 25.11 23.31 -19.60
N PRO B 355 26.43 23.40 -19.74
CA PRO B 355 27.01 24.54 -20.46
C PRO B 355 26.51 24.61 -21.91
N GLY B 356 26.19 25.83 -22.34
CA GLY B 356 25.65 26.10 -23.66
C GLY B 356 24.19 26.47 -23.68
N VAL B 357 23.39 26.00 -22.71
CA VAL B 357 21.94 26.19 -22.81
C VAL B 357 21.56 27.64 -22.59
N GLU B 358 20.45 28.06 -23.21
CA GLU B 358 19.87 29.38 -22.95
C GLU B 358 18.57 29.20 -22.17
N VAL B 359 18.41 29.99 -21.11
CA VAL B 359 17.30 29.83 -20.17
C VAL B 359 16.14 30.72 -20.62
N LEU B 360 15.03 30.08 -21.02
CA LEU B 360 13.86 30.82 -21.45
C LEU B 360 12.95 31.20 -20.28
N GLY B 361 12.98 30.47 -19.19
CA GLY B 361 12.20 30.92 -18.04
C GLY B 361 12.37 29.99 -16.85
N THR B 362 11.82 30.44 -15.70
CA THR B 362 11.88 29.70 -14.44
C THR B 362 10.58 29.84 -13.66
N ALA B 363 10.32 28.87 -12.80
CA ALA B 363 9.24 28.97 -11.82
C ALA B 363 9.75 28.32 -10.55
N ALA B 364 9.73 29.06 -9.44
CA ALA B 364 10.38 28.54 -8.25
C ALA B 364 9.44 28.66 -7.06
N TYR B 365 9.74 27.88 -6.04
CA TYR B 365 9.02 27.96 -4.78
C TYR B 365 10.03 27.77 -3.66
N ASP B 366 10.15 28.77 -2.81
CA ASP B 366 11.06 28.73 -1.67
C ASP B 366 10.27 28.28 -0.45
N TRP B 367 10.22 26.95 -0.26
CA TRP B 367 9.45 26.37 0.82
C TRP B 367 9.99 26.75 2.18
N THR B 368 11.30 27.00 2.26
CA THR B 368 11.94 27.33 3.54
C THR B 368 11.60 28.75 3.97
N ALA B 369 11.42 29.67 3.04
CA ALA B 369 11.08 31.05 3.42
C ALA B 369 9.58 31.24 3.68
N ASP B 370 8.72 30.41 3.11
CA ASP B 370 7.28 30.53 3.28
C ASP B 370 6.89 30.37 4.75
N PRO B 371 6.18 31.33 5.35
CA PRO B 371 5.89 31.24 6.79
C PRO B 371 5.02 30.03 7.17
N PHE B 372 4.25 29.45 6.25
CA PHE B 372 3.38 28.34 6.59
C PHE B 372 3.93 26.97 6.21
N SER B 373 5.22 26.90 5.81
CA SER B 373 5.99 25.64 5.86
C SER B 373 7.29 25.75 6.64
N LEU B 374 8.06 26.82 6.44
CA LEU B 374 9.33 27.04 7.15
C LEU B 374 10.24 25.81 7.02
N GLY B 375 10.29 25.26 5.83
CA GLY B 375 11.06 24.06 5.57
C GLY B 375 10.36 23.29 4.47
N ALA B 376 10.94 22.16 4.10
CA ALA B 376 10.38 21.37 3.00
C ALA B 376 9.81 20.04 3.58
N TRP B 377 10.10 18.91 2.98
CA TRP B 377 9.66 17.59 3.43
C TRP B 377 10.26 17.27 4.80
N ALA B 378 9.55 16.45 5.55
CA ALA B 378 10.01 16.06 6.87
C ALA B 378 11.34 15.33 6.79
N ALA B 379 12.32 15.81 7.59
CA ALA B 379 13.62 15.17 7.71
C ALA B 379 14.05 15.17 9.16
N TYR B 380 14.26 13.97 9.73
CA TYR B 380 14.64 13.87 11.14
C TYR B 380 16.15 14.04 11.34
N GLY B 381 16.51 14.83 12.35
CA GLY B 381 17.88 14.89 12.83
C GLY B 381 18.20 13.70 13.71
N VAL B 382 19.46 13.66 14.16
CA VAL B 382 19.93 12.57 15.00
C VAL B 382 19.11 12.50 16.27
N GLY B 383 18.71 11.28 16.64
CA GLY B 383 17.97 11.04 17.87
C GLY B 383 16.49 11.38 17.84
N GLN B 384 15.95 11.91 16.73
CA GLN B 384 14.56 12.36 16.75
C GLN B 384 13.57 11.22 16.53
N LEU B 385 13.85 10.29 15.62
CA LEU B 385 12.92 9.19 15.37
C LEU B 385 12.57 8.43 16.65
N SER B 386 13.57 8.25 17.53
CA SER B 386 13.38 7.58 18.82
C SER B 386 12.28 8.21 19.63
N ARG B 387 12.03 9.49 19.44
CA ARG B 387 11.08 10.21 20.27
C ARG B 387 9.77 10.49 19.53
N LEU B 388 9.59 9.89 18.35
CA LEU B 388 8.43 10.19 17.51
C LEU B 388 7.11 10.14 18.28
N LYS B 389 6.97 9.20 19.21
CA LYS B 389 5.69 9.05 19.90
C LYS B 389 5.32 10.32 20.66
N ASP B 390 6.30 11.08 21.14
CA ASP B 390 6.02 12.34 21.81
C ASP B 390 5.24 13.28 20.89
N LEU B 391 5.60 13.31 19.62
CA LEU B 391 4.93 14.17 18.65
C LEU B 391 3.58 13.59 18.22
N GLN B 392 3.45 12.25 18.21
CA GLN B 392 2.19 11.64 17.80
C GLN B 392 1.13 11.74 18.88
N ALA B 393 1.51 11.82 20.16
CA ALA B 393 0.54 11.66 21.24
C ALA B 393 -0.51 12.76 21.20
N ALA B 394 -1.77 12.38 21.41
CA ALA B 394 -2.83 13.36 21.63
C ALA B 394 -2.59 14.06 22.97
N GLU B 395 -3.09 15.28 23.09
CA GLU B 395 -3.02 16.03 24.36
C GLU B 395 -4.43 16.53 24.71
N GLY B 396 -5.13 15.78 25.56
CA GLY B 396 -6.52 16.12 25.83
C GLY B 396 -7.34 16.07 24.55
N ARG B 397 -8.06 17.14 24.25
CA ARG B 397 -8.93 17.13 23.08
C ARG B 397 -8.24 17.64 21.82
N ILE B 398 -6.91 17.69 21.80
CA ILE B 398 -6.17 18.11 20.60
C ILE B 398 -5.49 16.88 20.02
N VAL B 399 -5.79 16.62 18.75
CA VAL B 399 -5.20 15.53 17.99
C VAL B 399 -4.13 16.11 17.07
N PHE B 400 -3.03 15.39 16.90
CA PHE B 400 -1.90 15.86 16.12
C PHE B 400 -1.66 14.95 14.92
N ALA B 401 -1.46 15.56 13.76
CA ALA B 401 -1.21 14.84 12.53
C ALA B 401 -0.27 15.68 11.67
N GLY B 402 -0.13 15.29 10.40
CA GLY B 402 0.91 15.79 9.54
C GLY B 402 1.98 14.74 9.28
N ALA B 403 2.67 14.89 8.14
CA ALA B 403 3.56 13.83 7.68
C ALA B 403 4.70 13.55 8.68
N GLU B 404 5.23 14.61 9.30
CA GLU B 404 6.21 14.47 10.37
C GLU B 404 5.78 13.47 11.45
N THR B 405 4.48 13.32 11.69
CA THR B 405 3.93 12.47 12.76
C THR B 405 3.55 11.07 12.26
N SER B 406 3.76 10.77 10.99
CA SER B 406 3.40 9.46 10.51
C SER B 406 4.48 8.44 10.83
N ASN B 407 4.10 7.15 10.78
CA ASN B 407 5.07 6.08 11.05
C ASN B 407 5.80 5.62 9.80
N GLY B 408 5.12 5.62 8.66
CA GLY B 408 5.69 5.04 7.45
C GLY B 408 6.44 6.03 6.57
N TRP B 409 5.82 6.43 5.44
CA TRP B 409 6.44 7.32 4.43
C TRP B 409 6.38 8.77 4.90
N HIS B 410 7.19 9.08 5.94
CA HIS B 410 7.09 10.37 6.61
C HIS B 410 7.56 11.54 5.75
N ALA B 411 8.38 11.29 4.73
CA ALA B 411 8.83 12.35 3.84
C ALA B 411 7.91 12.52 2.63
N SER B 412 6.70 11.96 2.68
CA SER B 412 5.88 11.89 1.46
C SER B 412 4.45 12.37 1.70
N ILE B 413 3.72 12.47 0.59
CA ILE B 413 2.28 12.66 0.64
C ILE B 413 1.63 11.52 1.40
N ASP B 414 2.13 10.31 1.17
CA ASP B 414 1.53 9.14 1.81
C ASP B 414 1.52 9.24 3.33
N GLY B 415 2.64 9.66 3.92
CA GLY B 415 2.67 9.84 5.37
C GLY B 415 1.65 10.85 5.86
N ALA B 416 1.46 11.93 5.12
CA ALA B 416 0.41 12.90 5.48
C ALA B 416 -0.98 12.23 5.47
N VAL B 417 -1.30 11.51 4.40
CA VAL B 417 -2.61 10.80 4.35
C VAL B 417 -2.72 9.82 5.52
N GLU B 418 -1.67 9.05 5.78
CA GLU B 418 -1.66 8.10 6.90
C GLU B 418 -2.03 8.80 8.20
N SER B 419 -1.36 9.92 8.47
CA SER B 419 -1.63 10.69 9.70
C SER B 419 -3.05 11.22 9.72
N GLY B 420 -3.61 11.57 8.56
CA GLY B 420 -4.99 12.01 8.53
C GLY B 420 -5.99 10.90 8.82
N LEU B 421 -5.70 9.67 8.36
CA LEU B 421 -6.57 8.54 8.70
C LEU B 421 -6.50 8.24 10.18
N ARG B 422 -5.27 8.25 10.73
CA ARG B 422 -5.14 8.11 12.18
C ARG B 422 -5.91 9.20 12.91
N ALA B 423 -5.82 10.44 12.43
CA ALA B 423 -6.50 11.54 13.11
C ALA B 423 -8.01 11.32 13.12
N GLY B 424 -8.58 10.87 12.00
CA GLY B 424 -10.01 10.65 12.00
C GLY B 424 -10.41 9.58 12.98
N ARG B 425 -9.64 8.48 13.03
CA ARG B 425 -9.93 7.44 14.01
C ARG B 425 -9.91 8.02 15.43
N GLU B 426 -8.93 8.85 15.73
CA GLU B 426 -8.79 9.42 17.08
C GLU B 426 -9.95 10.37 17.39
N VAL B 427 -10.39 11.17 16.42
CA VAL B 427 -11.56 12.03 16.63
C VAL B 427 -12.78 11.19 16.97
N LYS B 428 -12.99 10.10 16.22
CA LYS B 428 -14.11 9.22 16.51
C LYS B 428 -14.01 8.69 17.93
N GLN B 429 -12.81 8.32 18.35
CA GLN B 429 -12.64 7.85 19.73
C GLN B 429 -12.98 8.94 20.72
N LEU B 430 -12.59 10.18 20.45
CA LEU B 430 -12.79 11.26 21.42
C LEU B 430 -14.24 11.68 21.49
N LEU B 431 -15.00 11.53 20.38
CA LEU B 431 -16.40 11.93 20.34
C LEU B 431 -17.35 10.78 20.69
N SER B 432 -16.87 9.62 21.12
CA SER B 432 -17.73 8.51 21.54
C SER B 432 -18.36 8.70 22.93
PA FDA C . -15.94 -13.80 -0.98
O1A FDA C . -16.11 -15.16 -1.58
O2A FDA C . -15.28 -13.60 0.34
O5B FDA C . -17.36 -13.08 -0.85
C5B FDA C . -18.38 -13.44 -1.79
C4B FDA C . -19.68 -13.57 -1.04
O4B FDA C . -20.76 -13.90 -1.90
C3B FDA C . -19.61 -14.73 -0.04
O3B FDA C . -19.93 -14.25 1.23
C2B FDA C . -20.71 -15.73 -0.48
O2B FDA C . -21.35 -16.38 0.60
C1B FDA C . -21.64 -14.77 -1.21
N9A FDA C . -22.53 -15.28 -2.25
C8A FDA C . -22.23 -16.21 -3.22
N7A FDA C . -23.24 -16.45 -4.00
C5A FDA C . -24.23 -15.61 -3.54
C6A FDA C . -25.55 -15.36 -3.96
N6A FDA C . -26.11 -15.98 -4.98
N1A FDA C . -26.29 -14.46 -3.28
C2A FDA C . -25.73 -13.83 -2.22
N3A FDA C . -24.49 -13.96 -1.74
C4A FDA C . -23.79 -14.87 -2.45
N1 FDA C . -6.08 -13.88 1.15
C2 FDA C . -5.19 -13.12 1.84
O2 FDA C . -5.10 -11.89 1.73
N3 FDA C . -4.39 -13.87 2.67
C4 FDA C . -4.42 -15.25 2.88
O4 FDA C . -3.66 -15.77 3.69
C4X FDA C . -5.38 -15.94 2.06
N5 FDA C . -5.52 -17.30 2.17
C5X FDA C . -6.67 -17.88 1.73
C6 FDA C . -6.99 -19.16 2.17
C7 FDA C . -8.18 -19.78 1.79
C7M FDA C . -8.45 -21.16 2.29
C8 FDA C . -9.06 -19.08 0.97
C8M FDA C . -10.38 -19.70 0.54
C9 FDA C . -8.73 -17.79 0.55
C9A FDA C . -7.54 -17.18 0.92
N10 FDA C . -7.16 -15.86 0.48
C10 FDA C . -6.19 -15.23 1.23
C1' FDA C . -8.00 -15.06 -0.41
C2' FDA C . -9.11 -14.26 0.27
O2' FDA C . -9.65 -14.98 1.31
C3' FDA C . -10.10 -13.79 -0.79
O3' FDA C . -9.44 -13.31 -1.95
C4' FDA C . -11.16 -12.76 -0.32
O4' FDA C . -11.72 -13.08 0.93
C5' FDA C . -12.24 -12.68 -1.40
O5' FDA C . -13.19 -11.71 -1.02
P FDA C . -14.45 -11.49 -2.04
O1P FDA C . -15.36 -10.60 -1.28
O2P FDA C . -13.94 -11.25 -3.43
O3P FDA C . -15.16 -12.98 -2.15
H51A FDA C . -18.47 -12.76 -2.48
H52A FDA C . -18.16 -14.27 -2.24
H4B FDA C . -19.89 -12.73 -0.61
H3B FDA C . -18.73 -15.14 -0.10
HO3A FDA C . -19.27 -13.81 1.53
H2B FDA C . -20.38 -16.38 -1.12
HO2A FDA C . -22.19 -16.34 0.47
H1B FDA C . -22.22 -14.41 -0.53
H8A FDA C . -21.40 -16.61 -3.29
H61A FDA C . -26.94 -15.87 -5.15
H62A FDA C . -25.65 -16.50 -5.50
H2A FDA C . -26.28 -13.22 -1.79
HN1 FDA C . -6.62 -13.45 0.62
HN3 FDA C . -3.80 -13.42 3.11
HN5 FDA C . -5.23 -17.62 2.96
H6 FDA C . -6.39 -19.61 2.72
HM71 FDA C . -7.67 -21.56 2.71
HM72 FDA C . -9.17 -21.16 2.95
HM73 FDA C . -8.73 -21.75 1.57
HM81 FDA C . -10.93 -19.91 1.31
HM82 FDA C . -10.88 -19.12 -0.03
HM83 FDA C . -10.23 -20.52 0.06
H9 FDA C . -9.31 -17.32 -0.01
H1'1 FDA C . -7.44 -14.45 -0.91
H1'2 FDA C . -8.40 -15.65 -1.07
H2' FDA C . -8.73 -13.47 0.69
HO2' FDA C . -10.25 -15.50 1.02
H3' FDA C . -10.58 -14.61 -1.06
HO3' FDA C . -9.45 -12.46 -1.95
H4' FDA C . -10.75 -11.90 -0.16
HO4' FDA C . -11.93 -13.90 0.94
H5'1 FDA C . -11.84 -12.46 -2.25
H5'2 FDA C . -12.66 -13.55 -1.51
PA FDA D . 1.23 20.53 4.74
O1A FDA D . 2.36 21.46 5.02
O2A FDA D . 0.91 20.14 3.34
O5B FDA D . -0.14 21.11 5.32
C5B FDA D . -0.07 21.93 6.50
C4B FDA D . -1.03 23.07 6.30
O4B FDA D . -1.11 23.92 7.45
C3B FDA D . -0.55 23.98 5.17
O3B FDA D . -1.58 24.13 4.22
C2B FDA D . -0.33 25.36 5.84
O2B FDA D . -0.66 26.47 5.05
C1B FDA D . -1.24 25.26 7.04
N9A FDA D . -0.96 26.05 8.24
C8A FDA D . 0.27 26.27 8.83
N7A FDA D . 0.19 26.99 9.91
C5A FDA D . -1.15 27.24 10.06
C6A FDA D . -1.91 27.95 11.02
N6A FDA D . -1.34 28.57 12.05
N1A FDA D . -3.24 28.02 10.86
C2A FDA D . -3.80 27.41 9.82
N3A FDA D . -3.21 26.72 8.85
C4A FDA D . -1.88 26.67 9.02
N1 FDA D . 6.09 13.89 -1.14
C2 FDA D . 5.78 12.85 -1.99
O2 FDA D . 4.97 11.95 -1.70
N3 FDA D . 6.45 12.95 -3.19
C4 FDA D . 7.35 13.93 -3.61
O4 FDA D . 7.87 13.89 -4.73
C4X FDA D . 7.62 14.92 -2.61
N5 FDA D . 8.50 15.96 -2.90
C5X FDA D . 8.40 17.10 -2.15
C6 FDA D . 8.96 18.27 -2.63
C7 FDA D . 8.87 19.47 -1.92
C7M FDA D . 9.50 20.72 -2.49
C8 FDA D . 8.17 19.47 -0.71
C8M FDA D . 8.02 20.74 0.10
C9 FDA D . 7.62 18.26 -0.25
C9A FDA D . 7.72 17.09 -0.94
N10 FDA D . 7.14 15.85 -0.46
C10 FDA D . 6.98 14.87 -1.41
C1' FDA D . 6.45 15.77 0.81
C2' FDA D . 4.98 16.18 0.81
O2' FDA D . 4.78 17.29 0.01
C3' FDA D . 4.51 16.39 2.26
O3' FDA D . 5.00 15.37 3.10
C4' FDA D . 2.99 16.57 2.46
O4' FDA D . 2.43 17.44 1.52
C5' FDA D . 2.74 17.06 3.89
O5' FDA D . 1.34 17.16 4.05
P FDA D . 0.82 17.70 5.48
O1P FDA D . -0.65 17.87 5.34
O2P FDA D . 1.54 16.93 6.57
O3P FDA D . 1.53 19.20 5.63
H51A FDA D . -0.30 21.42 7.29
H52A FDA D . 0.83 22.27 6.64
H4B FDA D . -1.92 22.72 6.16
H3B FDA D . 0.27 23.62 4.81
HO3A FDA D . -1.55 23.47 3.70
H2B FDA D . 0.59 25.44 6.16
HO2A FDA D . -1.04 27.05 5.53
H1B FDA D . -2.13 25.56 6.75
H8A FDA D . 1.06 25.93 8.48
H61A FDA D . -0.67 28.23 12.46
H62A FDA D . -1.64 29.33 12.33
H2A FDA D . -4.72 27.50 9.76
HN1 FDA D . 5.68 13.88 -0.38
HN3 FDA D . 6.29 12.33 -3.76
HN5 FDA D . 8.61 16.10 -3.77
H6 FDA D . 9.41 18.25 -3.45
HM71 FDA D . 10.24 21.02 -1.95
HM72 FDA D . 9.83 20.57 -3.40
HM73 FDA D . 8.85 21.45 -2.54
HM81 FDA D . 7.45 21.38 -0.34
HM82 FDA D . 7.64 20.57 0.97
HM83 FDA D . 8.88 21.18 0.24
H9 FDA D . 7.15 18.27 0.55
H1'1 FDA D . 6.51 14.85 1.14
H1'2 FDA D . 6.92 16.30 1.47
H2' FDA D . 4.46 15.47 0.40
HO2' FDA D . 4.76 17.04 -0.81
H3' FDA D . 4.94 17.21 2.54
HO3' FDA D . 4.64 14.63 2.88
H4' FDA D . 2.53 15.73 2.30
HO4' FDA D . 2.46 17.06 0.76
H5'1 FDA D . 3.12 16.45 4.52
H5'2 FDA D . 3.18 17.92 4.02
#